data_6EYV
#
_entry.id   6EYV
#
_cell.length_a   77.332
_cell.length_b   109.143
_cell.length_c   82.510
_cell.angle_alpha   90.00
_cell.angle_beta   95.66
_cell.angle_gamma   90.00
#
_symmetry.space_group_name_H-M   'P 1 21 1'
#
loop_
_entity.id
_entity.type
_entity.pdbx_description
1 polymer PvdP
2 non-polymer 'ZINC ION'
3 non-polymer TYROSINE
4 water water
#
_entity_poly.entity_id   1
_entity_poly.type   'polypeptide(L)'
_entity_poly.pdbx_seq_one_letter_code
;HHHHHHSSGLEVLFQGTTHRHLTREEEPQTPDEASLDLAATDGIRLGDRLRGLWDLRLVGGDAELPGLPREGLQLVLDVA
PKGRGLIGYLDTPERLLAAEPPRFRVLGDLLGASSASIRWRLVDQASGSVAPTHDCSAVFDEVWADYANAGDGTLSGRIQ
RLERSPLSPNEDFRFVAVKRHFPLAHERIVLNEKLLGWLVSPQHRLFHQLWHASRDKWHRLSEKQRNALRGVGWQPGPLD
RERDARGPRKDRNASGIDFFFMHRHMLHTARSMQDLPSWERLPRPVVPLEYDRPGFIRYFDNPDGFSVPPAWVAVDDDEY
SEWLHGLKSAEAYHANFLVWESQYQDPAYLAKLTLGQFGSELELGMHDWLHMRWASVTRDPSNGAPVMTDRFPADFAPRW
FRPENDFLGDPFSSHVNPVFWSFHGWIDDRIEDWYRAHERFHPGEVQRREVEGIQWFAPGRWVEVGDPWLGPATHGCGLS
DVQASSNSVELDVETMKLALRIIFSEEDQLSGWLKRAPRRPWYARNLKLARDQLRR
;
_entity_poly.pdbx_strand_id   B,A
#
loop_
_chem_comp.id
_chem_comp.type
_chem_comp.name
_chem_comp.formula
ZN non-polymer 'ZINC ION' 'Zn 2'
#
# COMPACT_ATOMS: atom_id res chain seq x y z
N PRO A 28 -11.18 -7.21 35.16
CA PRO A 28 -11.20 -6.81 33.75
C PRO A 28 -11.16 -8.00 32.80
N GLN A 29 -11.68 -7.81 31.59
CA GLN A 29 -11.75 -8.88 30.59
C GLN A 29 -10.90 -8.51 29.38
N THR A 30 -10.12 -9.48 28.91
CA THR A 30 -9.29 -9.31 27.72
C THR A 30 -10.12 -9.43 26.45
N PRO A 31 -9.61 -8.93 25.33
CA PRO A 31 -10.39 -8.99 24.08
C PRO A 31 -10.75 -10.42 23.71
N ASP A 32 -11.95 -10.59 23.16
CA ASP A 32 -12.42 -11.90 22.74
C ASP A 32 -11.92 -12.29 21.36
N GLU A 33 -11.43 -11.33 20.58
CA GLU A 33 -10.89 -11.60 19.25
C GLU A 33 -10.14 -10.37 18.77
N ALA A 34 -9.25 -10.59 17.80
CA ALA A 34 -8.46 -9.50 17.25
C ALA A 34 -9.28 -8.66 16.30
N SER A 35 -8.92 -7.38 16.21
CA SER A 35 -9.64 -6.43 15.38
C SER A 35 -8.64 -5.56 14.63
N LEU A 36 -8.92 -5.32 13.35
CA LEU A 36 -8.05 -4.49 12.52
C LEU A 36 -7.74 -3.18 13.22
N ASP A 37 -6.46 -2.97 13.54
CA ASP A 37 -6.01 -1.82 14.32
C ASP A 37 -5.23 -0.88 13.42
N LEU A 38 -5.95 -0.20 12.52
CA LEU A 38 -5.33 0.78 11.64
C LEU A 38 -4.86 2.00 12.43
N ALA A 39 -3.75 2.58 12.00
CA ALA A 39 -3.17 3.73 12.67
C ALA A 39 -4.13 4.91 12.65
N ALA A 40 -4.04 5.75 13.67
CA ALA A 40 -4.84 6.95 13.78
C ALA A 40 -4.03 8.15 13.31
N THR A 41 -4.58 9.36 13.49
CA THR A 41 -3.87 10.56 13.09
C THR A 41 -2.52 10.66 13.79
N ASP A 42 -2.50 10.47 15.11
CA ASP A 42 -1.24 10.58 15.85
C ASP A 42 -0.26 9.49 15.45
N GLY A 43 -0.76 8.27 15.21
CA GLY A 43 0.12 7.19 14.78
C GLY A 43 0.62 7.39 13.36
N ILE A 44 -0.24 7.91 12.48
CA ILE A 44 0.16 8.17 11.10
C ILE A 44 1.23 9.25 11.06
N ARG A 45 1.06 10.30 11.87
CA ARG A 45 2.05 11.38 11.88
C ARG A 45 3.36 10.92 12.49
N LEU A 46 3.32 10.04 13.49
CA LEU A 46 4.55 9.52 14.06
C LEU A 46 5.35 8.75 13.02
N GLY A 47 4.69 7.85 12.29
CA GLY A 47 5.36 7.10 11.25
C GLY A 47 5.97 7.99 10.18
N ASP A 48 5.33 9.13 9.92
CA ASP A 48 5.85 10.05 8.92
C ASP A 48 7.10 10.78 9.41
N ARG A 49 7.21 11.00 10.72
CA ARG A 49 8.42 11.61 11.27
C ARG A 49 9.61 10.66 11.19
N LEU A 50 9.36 9.35 11.18
CA LEU A 50 10.42 8.36 11.20
C LEU A 50 10.85 7.91 9.81
N ARG A 51 9.91 7.80 8.88
CA ARG A 51 10.19 7.25 7.57
C ARG A 51 11.27 8.06 6.86
N GLY A 52 12.38 7.41 6.51
CA GLY A 52 13.45 8.06 5.80
C GLY A 52 14.80 7.51 6.22
N LEU A 53 15.84 8.23 5.81
CA LEU A 53 17.22 7.84 6.03
C LEU A 53 17.86 8.78 7.06
N TRP A 54 18.52 8.19 8.05
CA TRP A 54 19.12 8.94 9.14
C TRP A 54 20.63 8.69 9.19
N ASP A 55 21.37 9.68 9.66
CA ASP A 55 22.79 9.54 9.96
C ASP A 55 22.94 9.30 11.45
N LEU A 56 23.57 8.17 11.81
CA LEU A 56 23.60 7.70 13.18
C LEU A 56 25.00 7.90 13.79
N ARG A 57 25.03 8.05 15.11
CA ARG A 57 26.27 8.26 15.84
C ARG A 57 26.17 7.62 17.21
N LEU A 58 27.16 6.81 17.57
CA LEU A 58 27.19 6.13 18.85
C LEU A 58 28.08 6.89 19.83
N VAL A 59 27.61 7.03 21.06
CA VAL A 59 28.30 7.78 22.09
C VAL A 59 28.33 6.96 23.37
N GLY A 60 29.43 7.05 24.10
CA GLY A 60 29.58 6.34 25.36
C GLY A 60 30.78 5.43 25.41
N GLY A 61 31.17 5.03 26.62
CA GLY A 61 32.29 4.13 26.77
C GLY A 61 32.01 2.72 26.32
N ASP A 62 30.77 2.26 26.47
CA ASP A 62 30.36 0.93 26.06
C ASP A 62 29.57 0.94 24.75
N ALA A 63 29.76 1.96 23.92
CA ALA A 63 29.01 2.10 22.67
C ALA A 63 29.77 1.38 21.56
N GLU A 64 29.32 0.17 21.24
CA GLU A 64 29.97 -0.65 20.22
C GLU A 64 28.96 -1.66 19.71
N LEU A 65 28.86 -1.78 18.38
CA LEU A 65 28.05 -2.81 17.76
C LEU A 65 28.96 -3.78 17.00
N PRO A 66 28.74 -5.10 17.13
CA PRO A 66 29.63 -6.06 16.46
C PRO A 66 29.85 -5.76 14.99
N GLY A 67 31.12 -5.54 14.61
CA GLY A 67 31.46 -5.32 13.22
C GLY A 67 31.12 -3.96 12.67
N LEU A 68 30.78 -3.00 13.52
CA LEU A 68 30.40 -1.67 13.09
C LEU A 68 31.20 -0.61 13.81
N PRO A 69 31.58 0.48 13.12
CA PRO A 69 32.28 1.57 13.80
C PRO A 69 31.37 2.31 14.77
N ARG A 70 31.90 3.31 15.46
CA ARG A 70 31.09 4.15 16.33
C ARG A 70 30.56 5.39 15.61
N GLU A 71 31.21 5.80 14.53
CA GLU A 71 30.83 6.98 13.76
C GLU A 71 30.48 6.59 12.34
N GLY A 72 29.86 7.53 11.62
CA GLY A 72 29.60 7.33 10.20
C GLY A 72 28.60 6.23 9.88
N LEU A 73 27.60 6.05 10.72
CA LEU A 73 26.56 5.05 10.49
C LEU A 73 25.30 5.70 9.92
N GLN A 74 24.36 4.86 9.51
CA GLN A 74 23.07 5.31 9.01
C GLN A 74 21.98 4.39 9.49
N LEU A 75 20.80 4.97 9.76
CA LEU A 75 19.61 4.24 10.18
C LEU A 75 18.48 4.57 9.22
N VAL A 76 18.00 3.57 8.49
CA VAL A 76 16.87 3.72 7.59
C VAL A 76 15.65 3.06 8.24
N LEU A 77 14.52 3.75 8.20
CA LEU A 77 13.28 3.28 8.82
C LEU A 77 12.14 3.48 7.84
N ASP A 78 11.06 2.73 8.07
CA ASP A 78 9.87 2.85 7.24
C ASP A 78 8.65 2.40 8.04
N VAL A 79 7.51 3.01 7.73
CA VAL A 79 6.24 2.65 8.35
C VAL A 79 5.16 2.76 7.29
N ALA A 80 4.31 1.74 7.20
CA ALA A 80 3.25 1.74 6.20
C ALA A 80 2.35 2.96 6.39
N PRO A 81 1.60 3.34 5.35
CA PRO A 81 0.76 4.55 5.46
C PRO A 81 -0.11 4.58 6.69
N LYS A 82 -0.84 3.51 6.98
CA LYS A 82 -1.66 3.39 8.18
C LYS A 82 -1.19 2.24 9.06
N GLY A 83 0.10 1.92 9.01
CA GLY A 83 0.63 0.83 9.77
C GLY A 83 1.07 1.24 11.16
N ARG A 84 1.19 0.24 12.04
CA ARG A 84 1.66 0.45 13.40
C ARG A 84 2.95 -0.32 13.68
N GLY A 85 3.47 -1.05 12.71
CA GLY A 85 4.74 -1.76 12.86
C GLY A 85 5.88 -0.98 12.24
N LEU A 86 7.04 -1.02 12.89
CA LEU A 86 8.20 -0.25 12.50
C LEU A 86 9.32 -1.19 12.06
N ILE A 87 9.90 -0.91 10.90
CA ILE A 87 10.99 -1.70 10.34
C ILE A 87 12.13 -0.77 9.97
N GLY A 88 13.27 -1.36 9.63
CA GLY A 88 14.42 -0.59 9.22
C GLY A 88 15.68 -1.44 9.25
N TYR A 89 16.80 -0.76 9.01
CA TYR A 89 18.11 -1.40 8.99
C TYR A 89 19.13 -0.41 9.52
N LEU A 90 20.22 -0.96 10.05
CA LEU A 90 21.27 -0.14 10.69
C LEU A 90 22.61 -0.69 10.24
N ASP A 91 23.35 0.10 9.46
CA ASP A 91 24.64 -0.33 8.93
C ASP A 91 25.34 0.90 8.36
N THR A 92 26.47 0.69 7.70
CA THR A 92 27.18 1.77 7.03
C THR A 92 26.48 2.17 5.74
N PRO A 93 26.67 3.42 5.29
CA PRO A 93 25.95 3.86 4.09
C PRO A 93 26.09 2.94 2.89
N GLU A 94 27.30 2.44 2.63
CA GLU A 94 27.50 1.59 1.46
C GLU A 94 26.75 0.27 1.61
N ARG A 95 26.76 -0.32 2.80
CA ARG A 95 26.13 -1.62 2.98
C ARG A 95 24.62 -1.53 2.86
N LEU A 96 24.03 -0.41 3.28
CA LEU A 96 22.58 -0.25 3.16
C LEU A 96 22.15 -0.29 1.70
N LEU A 97 22.97 0.26 0.80
CA LEU A 97 22.67 0.23 -0.63
C LEU A 97 23.07 -1.08 -1.29
N ALA A 98 23.97 -1.86 -0.70
CA ALA A 98 24.39 -3.12 -1.28
C ALA A 98 23.28 -4.16 -1.13
N ALA A 99 23.33 -5.18 -1.99
CA ALA A 99 22.28 -6.18 -2.06
C ALA A 99 22.33 -7.16 -0.90
N GLU A 100 23.51 -7.40 -0.32
CA GLU A 100 23.61 -8.37 0.75
C GLU A 100 22.88 -7.86 2.00
N PRO A 101 22.28 -8.76 2.78
CA PRO A 101 21.52 -8.33 3.96
C PRO A 101 22.37 -7.46 4.88
N PRO A 102 21.86 -6.29 5.29
CA PRO A 102 22.61 -5.44 6.22
C PRO A 102 22.96 -6.18 7.51
N ARG A 103 23.91 -5.62 8.25
CA ARG A 103 24.38 -6.28 9.46
C ARG A 103 23.32 -6.32 10.56
N PHE A 104 22.47 -5.29 10.63
CA PHE A 104 21.43 -5.20 11.65
C PHE A 104 20.10 -4.85 11.02
N ARG A 105 19.03 -5.47 11.52
CA ARG A 105 17.67 -5.24 11.06
C ARG A 105 16.82 -4.74 12.22
N VAL A 106 15.89 -3.83 11.93
CA VAL A 106 15.06 -3.20 12.94
C VAL A 106 13.69 -3.85 12.93
N LEU A 107 13.15 -4.07 14.13
CA LEU A 107 11.77 -4.53 14.30
C LEU A 107 11.17 -3.86 15.52
N GLY A 108 9.97 -3.32 15.37
CA GLY A 108 9.33 -2.65 16.49
C GLY A 108 7.88 -2.38 16.18
N ASP A 109 7.22 -1.67 17.09
CA ASP A 109 5.84 -1.25 16.90
C ASP A 109 5.65 0.11 17.54
N LEU A 110 4.57 0.78 17.14
CA LEU A 110 4.26 2.12 17.62
C LEU A 110 3.05 2.13 18.56
N LEU A 111 2.73 0.98 19.17
CA LEU A 111 1.65 0.92 20.15
C LEU A 111 2.06 1.64 21.42
N GLY A 112 1.32 2.70 21.77
CA GLY A 112 1.67 3.50 22.92
C GLY A 112 2.91 4.36 22.72
N ALA A 113 3.35 4.51 21.48
CA ALA A 113 4.55 5.30 21.20
C ALA A 113 4.16 6.75 20.92
N SER A 114 5.19 7.61 20.85
CA SER A 114 5.00 9.02 20.59
C SER A 114 6.35 9.72 20.46
N SER A 115 6.34 11.04 20.28
CA SER A 115 7.60 11.78 20.27
C SER A 115 8.36 11.65 21.57
N ALA A 116 7.71 11.18 22.63
CA ALA A 116 8.36 11.05 23.94
C ALA A 116 9.08 9.72 24.10
N SER A 117 8.57 8.64 23.50
CA SER A 117 9.18 7.32 23.65
C SER A 117 8.90 6.50 22.41
N ILE A 118 9.97 6.01 21.76
CA ILE A 118 9.88 5.06 20.66
C ILE A 118 10.87 3.95 20.93
N ARG A 119 10.45 2.71 20.73
CA ARG A 119 11.27 1.55 21.04
C ARG A 119 11.31 0.60 19.86
N TRP A 120 12.46 -0.04 19.68
CA TRP A 120 12.62 -1.07 18.66
C TRP A 120 13.81 -1.95 19.04
N ARG A 121 13.81 -3.17 18.50
CA ARG A 121 14.87 -4.13 18.73
C ARG A 121 15.74 -4.29 17.49
N LEU A 122 16.95 -4.77 17.70
CA LEU A 122 17.90 -5.02 16.62
C LEU A 122 18.14 -6.51 16.48
N VAL A 123 18.16 -6.99 15.24
CA VAL A 123 18.42 -8.40 14.93
C VAL A 123 19.76 -8.47 14.24
N ASP A 124 20.67 -9.28 14.81
CA ASP A 124 21.99 -9.49 14.23
C ASP A 124 21.86 -10.47 13.08
N GLN A 125 21.82 -9.93 11.85
CA GLN A 125 21.62 -10.78 10.68
C GLN A 125 22.76 -11.76 10.46
N ALA A 126 23.93 -11.51 11.06
CA ALA A 126 25.07 -12.41 10.91
C ALA A 126 25.06 -13.55 11.92
N SER A 127 24.43 -13.34 13.09
CA SER A 127 24.44 -14.37 14.12
C SER A 127 23.73 -15.64 13.69
N GLY A 128 22.94 -15.59 12.62
CA GLY A 128 22.16 -16.74 12.23
C GLY A 128 20.92 -16.97 13.07
N SER A 129 20.42 -15.94 13.74
CA SER A 129 19.24 -16.05 14.58
C SER A 129 18.45 -14.75 14.48
N VAL A 130 17.12 -14.88 14.36
CA VAL A 130 16.24 -13.71 14.36
C VAL A 130 15.96 -13.18 15.76
N ALA A 131 16.54 -13.79 16.79
CA ALA A 131 16.31 -13.31 18.14
C ALA A 131 17.01 -11.96 18.33
N PRO A 132 16.37 -11.02 19.01
CA PRO A 132 16.99 -9.70 19.20
C PRO A 132 18.24 -9.78 20.05
N THR A 133 19.24 -8.98 19.68
CA THR A 133 20.46 -8.86 20.46
C THR A 133 20.53 -7.58 21.28
N HIS A 134 19.84 -6.54 20.85
CA HIS A 134 19.84 -5.25 21.55
C HIS A 134 18.42 -4.74 21.68
N ASP A 135 18.24 -3.79 22.60
CA ASP A 135 16.95 -3.16 22.86
C ASP A 135 17.15 -1.65 22.84
N CYS A 136 16.39 -0.95 22.01
CA CYS A 136 16.58 0.47 21.78
C CYS A 136 15.35 1.25 22.22
N SER A 137 15.59 2.44 22.76
CA SER A 137 14.57 3.43 23.04
C SER A 137 15.06 4.77 22.54
N ALA A 138 14.13 5.67 22.26
CA ALA A 138 14.51 6.96 21.70
C ALA A 138 13.40 7.97 21.94
N VAL A 139 13.77 9.24 21.83
CA VAL A 139 12.83 10.36 21.91
C VAL A 139 13.05 11.23 20.67
N PHE A 140 11.95 11.66 20.06
CA PHE A 140 12.00 12.50 18.87
C PHE A 140 12.02 13.97 19.27
N ASP A 141 12.87 14.74 18.60
CA ASP A 141 13.00 16.17 18.85
C ASP A 141 13.01 16.91 17.52
N GLU A 142 12.88 18.24 17.60
CA GLU A 142 12.92 19.11 16.45
C GLU A 142 13.93 20.22 16.69
N VAL A 143 14.79 20.46 15.70
CA VAL A 143 15.81 21.50 15.77
C VAL A 143 15.67 22.38 14.53
N TRP A 144 15.53 23.69 14.73
CA TRP A 144 15.35 24.63 13.63
C TRP A 144 16.58 25.49 13.43
N ALA A 145 17.75 24.87 13.42
CA ALA A 145 19.02 25.60 13.31
C ALA A 145 19.77 25.23 12.03
N ASP A 152 16.37 17.80 9.64
CA ASP A 152 14.95 17.60 9.39
C ASP A 152 14.29 16.76 10.49
N GLY A 153 15.08 16.38 11.50
CA GLY A 153 14.59 15.58 12.60
C GLY A 153 15.72 15.11 13.48
N THR A 154 15.43 14.73 14.73
CA THR A 154 16.46 14.28 15.65
C THR A 154 15.90 13.16 16.52
N LEU A 155 16.65 12.06 16.61
CA LEU A 155 16.33 10.95 17.49
C LEU A 155 17.53 10.66 18.38
N SER A 156 17.28 10.58 19.68
CA SER A 156 18.33 10.29 20.66
C SER A 156 17.76 9.40 21.74
N GLY A 157 18.57 8.44 22.19
CA GLY A 157 18.12 7.51 23.22
C GLY A 157 19.22 6.62 23.76
N ARG A 158 18.86 5.42 24.20
CA ARG A 158 19.80 4.47 24.76
C ARG A 158 19.60 3.10 24.12
N ILE A 159 20.67 2.29 24.18
CA ILE A 159 20.66 0.93 23.67
C ILE A 159 21.15 0.01 24.77
N GLN A 160 20.60 -1.21 24.81
CA GLN A 160 20.89 -2.16 25.86
C GLN A 160 21.25 -3.51 25.26
N ARG A 161 22.42 -4.04 25.64
CA ARG A 161 22.79 -5.40 25.28
C ARG A 161 21.91 -6.39 26.04
N LEU A 162 21.20 -7.25 25.31
CA LEU A 162 20.29 -8.20 25.94
C LEU A 162 21.02 -9.35 26.61
N GLU A 163 22.28 -9.62 26.24
CA GLU A 163 23.06 -10.62 26.95
C GLU A 163 23.48 -10.14 28.33
N ARG A 164 23.72 -8.83 28.47
CA ARG A 164 24.11 -8.26 29.76
C ARG A 164 22.93 -8.30 30.73
N SER A 165 23.24 -8.43 32.01
CA SER A 165 22.22 -8.52 33.04
C SER A 165 21.77 -7.12 33.48
N PRO A 166 20.49 -6.95 33.82
CA PRO A 166 20.03 -5.62 34.26
C PRO A 166 20.50 -5.24 35.65
N LEU A 167 20.90 -6.20 36.48
CA LEU A 167 21.44 -5.92 37.81
C LEU A 167 22.89 -5.49 37.77
N SER A 168 23.54 -5.53 36.61
CA SER A 168 24.92 -5.11 36.47
C SER A 168 25.02 -3.60 36.44
N PRO A 169 26.23 -3.04 36.60
CA PRO A 169 26.39 -1.59 36.53
C PRO A 169 25.82 -1.02 35.24
N ASN A 170 25.37 0.23 35.31
CA ASN A 170 24.76 0.87 34.15
C ASN A 170 25.74 0.92 32.98
N GLU A 171 25.23 0.61 31.80
CA GLU A 171 26.03 0.58 30.58
C GLU A 171 25.89 1.91 29.84
N ASP A 172 27.02 2.53 29.52
CA ASP A 172 27.03 3.82 28.84
C ASP A 172 26.92 3.60 27.33
N PHE A 173 25.70 3.32 26.88
CA PHE A 173 25.41 3.06 25.48
C PHE A 173 24.26 3.96 25.06
N ARG A 174 24.57 4.98 24.25
CA ARG A 174 23.56 5.91 23.77
C ARG A 174 23.88 6.25 22.31
N PHE A 175 22.87 6.78 21.62
CA PHE A 175 23.02 7.13 20.21
C PHE A 175 22.29 8.43 19.93
N VAL A 176 22.65 9.05 18.80
CA VAL A 176 22.00 10.26 18.32
C VAL A 176 21.84 10.14 16.81
N ALA A 177 20.63 10.36 16.32
CA ALA A 177 20.33 10.28 14.90
C ALA A 177 19.77 11.61 14.41
N VAL A 178 20.04 11.91 13.15
CA VAL A 178 19.60 13.17 12.53
C VAL A 178 19.03 12.83 11.15
N LYS A 179 17.73 13.03 10.99
CA LYS A 179 17.07 12.74 9.72
C LYS A 179 17.73 13.56 8.61
N ARG A 180 18.09 12.89 7.52
CA ARG A 180 18.82 13.55 6.44
C ARG A 180 17.90 14.49 5.68
N HIS A 181 18.45 15.65 5.30
CA HIS A 181 17.69 16.64 4.57
C HIS A 181 17.13 16.04 3.28
N PHE A 182 15.84 16.26 3.04
CA PHE A 182 15.19 15.83 1.81
C PHE A 182 15.53 16.84 0.71
N PRO A 183 16.34 16.48 -0.28
CA PRO A 183 16.76 17.47 -1.29
C PRO A 183 15.57 18.10 -2.01
N LEU A 184 15.68 19.41 -2.24
CA LEU A 184 14.68 20.14 -2.99
C LEU A 184 14.85 19.89 -4.49
N ALA A 185 13.78 20.15 -5.24
CA ALA A 185 13.84 19.95 -6.68
C ALA A 185 14.98 20.74 -7.30
N HIS A 186 15.05 22.04 -7.01
CA HIS A 186 16.08 22.88 -7.61
C HIS A 186 17.49 22.51 -7.15
N GLU A 187 17.62 21.67 -6.13
CA GLU A 187 18.93 21.15 -5.73
C GLU A 187 19.36 19.95 -6.55
N ARG A 188 18.53 19.50 -7.48
CA ARG A 188 18.82 18.33 -8.29
C ARG A 188 18.54 18.53 -9.78
N ILE A 189 17.65 19.46 -10.14
CA ILE A 189 17.42 19.85 -11.53
C ILE A 189 17.83 21.32 -11.63
N VAL A 190 18.88 21.60 -12.40
CA VAL A 190 19.45 22.94 -12.48
C VAL A 190 18.94 23.63 -13.74
N LEU A 191 18.36 24.81 -13.56
CA LEU A 191 17.95 25.66 -14.67
C LEU A 191 19.03 26.70 -14.92
N ASN A 192 19.46 26.82 -16.17
CA ASN A 192 20.53 27.75 -16.47
C ASN A 192 20.12 29.18 -16.13
N GLU A 193 21.12 30.08 -16.14
CA GLU A 193 20.87 31.46 -15.74
C GLU A 193 19.93 32.16 -16.69
N LYS A 194 20.07 31.89 -18.00
CA LYS A 194 19.21 32.56 -18.99
C LYS A 194 17.74 32.26 -18.71
N LEU A 195 17.38 30.97 -18.63
CA LEU A 195 16.00 30.60 -18.35
C LEU A 195 15.58 31.02 -16.95
N LEU A 196 16.35 30.59 -15.94
CA LEU A 196 16.02 30.93 -14.56
C LEU A 196 15.87 32.43 -14.40
N GLY A 197 16.75 33.21 -15.03
CA GLY A 197 16.64 34.65 -14.96
C GLY A 197 15.35 35.17 -15.57
N TRP A 198 14.85 34.48 -16.61
CA TRP A 198 13.59 34.90 -17.23
C TRP A 198 12.40 34.59 -16.33
N LEU A 199 12.48 33.53 -15.53
CA LEU A 199 11.36 33.12 -14.70
C LEU A 199 11.22 34.03 -13.48
N VAL A 200 12.31 34.24 -12.74
CA VAL A 200 12.25 34.98 -11.49
C VAL A 200 12.11 36.48 -11.68
N SER A 201 11.96 36.95 -12.92
CA SER A 201 11.86 38.37 -13.16
C SER A 201 10.53 38.91 -12.63
N PRO A 202 10.53 40.09 -11.98
CA PRO A 202 9.25 40.64 -11.51
C PRO A 202 8.22 40.79 -12.62
N GLN A 203 8.65 41.02 -13.85
CA GLN A 203 7.73 41.13 -14.98
C GLN A 203 7.06 39.80 -15.31
N HIS A 204 7.65 38.69 -14.89
CA HIS A 204 7.10 37.36 -15.17
C HIS A 204 6.37 36.76 -13.97
N ARG A 205 6.91 36.92 -12.76
CA ARG A 205 6.22 36.43 -11.57
C ARG A 205 4.84 37.05 -11.45
N LEU A 206 4.74 38.36 -11.64
CA LEU A 206 3.45 39.04 -11.52
C LEU A 206 2.52 38.64 -12.65
N PHE A 207 3.04 38.50 -13.87
CA PHE A 207 2.20 38.07 -14.99
C PHE A 207 1.50 36.76 -14.67
N HIS A 208 2.28 35.74 -14.27
CA HIS A 208 1.71 34.43 -14.00
C HIS A 208 0.69 34.49 -12.88
N GLN A 209 1.03 35.16 -11.78
CA GLN A 209 0.09 35.31 -10.68
C GLN A 209 -1.19 36.01 -11.15
N LEU A 210 -1.03 37.12 -11.87
CA LEU A 210 -2.20 37.91 -12.27
C LEU A 210 -3.00 37.19 -13.34
N TRP A 211 -2.33 36.51 -14.27
CA TRP A 211 -3.05 35.77 -15.30
C TRP A 211 -4.00 34.76 -14.68
N HIS A 212 -3.56 34.05 -13.64
CA HIS A 212 -4.43 33.14 -12.93
C HIS A 212 -5.40 33.88 -12.03
N ALA A 213 -4.93 34.92 -11.33
CA ALA A 213 -5.75 35.60 -10.33
C ALA A 213 -7.07 36.07 -10.92
N SER A 214 -7.01 36.81 -12.03
CA SER A 214 -8.24 37.37 -12.60
C SER A 214 -9.25 36.29 -12.92
N ARG A 215 -8.89 35.35 -13.79
CA ARG A 215 -9.83 34.32 -14.20
C ARG A 215 -10.22 33.41 -13.04
N ASP A 216 -9.31 33.19 -12.08
CA ASP A 216 -9.65 32.35 -10.94
C ASP A 216 -10.69 33.00 -10.04
N LYS A 217 -10.68 34.33 -9.94
CA LYS A 217 -11.54 35.05 -9.01
C LYS A 217 -12.58 35.92 -9.70
N TRP A 218 -12.61 35.95 -11.04
CA TRP A 218 -13.49 36.88 -11.75
C TRP A 218 -14.95 36.70 -11.34
N HIS A 219 -15.39 35.46 -11.14
CA HIS A 219 -16.80 35.20 -10.87
C HIS A 219 -17.24 35.70 -9.50
N ARG A 220 -16.32 36.19 -8.67
CA ARG A 220 -16.65 36.68 -7.33
C ARG A 220 -16.37 38.17 -7.17
N LEU A 221 -15.99 38.88 -8.23
CA LEU A 221 -15.66 40.29 -8.16
C LEU A 221 -16.91 41.13 -8.38
N SER A 222 -17.02 42.21 -7.60
CA SER A 222 -18.09 43.17 -7.82
C SER A 222 -17.88 43.91 -9.13
N GLU A 223 -18.94 44.56 -9.61
CA GLU A 223 -18.84 45.30 -10.86
C GLU A 223 -17.77 46.39 -10.78
N LYS A 224 -17.66 47.03 -9.62
CA LYS A 224 -16.62 48.04 -9.42
C LYS A 224 -15.24 47.46 -9.69
N GLN A 225 -14.95 46.28 -9.13
CA GLN A 225 -13.66 45.64 -9.37
C GLN A 225 -13.49 45.24 -10.83
N ARG A 226 -14.52 44.65 -11.42
CA ARG A 226 -14.43 44.25 -12.83
C ARG A 226 -14.10 45.44 -13.71
N ASN A 227 -14.86 46.54 -13.57
CA ASN A 227 -14.59 47.72 -14.38
C ASN A 227 -13.15 48.18 -14.23
N ALA A 228 -12.60 48.07 -13.01
CA ALA A 228 -11.23 48.49 -12.78
C ALA A 228 -10.25 47.62 -13.56
N LEU A 229 -10.39 46.29 -13.47
CA LEU A 229 -9.53 45.40 -14.24
C LEU A 229 -9.65 45.70 -15.73
N ARG A 230 -10.87 46.00 -16.21
CA ARG A 230 -11.03 46.43 -17.59
C ARG A 230 -10.29 47.74 -17.84
N GLY A 231 -10.20 48.59 -16.83
CA GLY A 231 -9.49 49.86 -16.97
C GLY A 231 -8.01 49.71 -17.16
N VAL A 232 -7.43 48.60 -16.69
CA VAL A 232 -6.02 48.32 -16.90
C VAL A 232 -5.79 47.25 -17.95
N GLY A 233 -6.86 46.72 -18.55
CA GLY A 233 -6.71 45.71 -19.59
C GLY A 233 -6.39 44.33 -19.08
N TRP A 234 -6.83 44.00 -17.86
CA TRP A 234 -6.56 42.69 -17.27
C TRP A 234 -7.85 41.90 -17.05
N GLN A 235 -8.87 42.17 -17.85
CA GLN A 235 -10.06 41.34 -17.82
C GLN A 235 -9.75 39.99 -18.45
N PRO A 236 -10.25 38.88 -17.89
CA PRO A 236 -9.93 37.56 -18.46
C PRO A 236 -10.63 37.32 -19.79
N GLY A 237 -9.92 37.55 -20.89
CA GLY A 237 -10.47 37.31 -22.21
C GLY A 237 -10.97 38.57 -22.86
N PRO A 238 -11.78 38.42 -23.91
CA PRO A 238 -12.27 39.60 -24.63
C PRO A 238 -13.11 40.51 -23.73
N LEU A 239 -13.05 41.80 -24.02
CA LEU A 239 -13.77 42.79 -23.23
C LEU A 239 -15.27 42.59 -23.39
N ASP A 240 -15.98 42.61 -22.27
CA ASP A 240 -17.43 42.45 -22.19
C ASP A 240 -17.89 41.03 -22.46
N ARG A 241 -16.97 40.12 -22.81
CA ARG A 241 -17.26 38.71 -23.01
C ARG A 241 -16.24 37.86 -22.27
N GLU A 242 -16.04 38.19 -20.99
CA GLU A 242 -14.97 37.59 -20.22
C GLU A 242 -15.23 36.09 -19.98
N ARG A 243 -14.14 35.33 -19.92
CA ARG A 243 -14.19 33.88 -19.73
C ARG A 243 -13.75 33.59 -18.29
N ASP A 244 -14.71 33.54 -17.38
CA ASP A 244 -14.42 33.13 -16.01
C ASP A 244 -13.95 31.68 -15.99
N ALA A 245 -12.98 31.39 -15.14
CA ALA A 245 -12.37 30.06 -15.08
C ALA A 245 -13.03 29.15 -14.06
N ARG A 246 -13.59 29.70 -12.98
CA ARG A 246 -14.14 28.89 -11.90
C ARG A 246 -15.59 29.28 -11.60
N GLY A 247 -16.32 29.74 -12.61
CA GLY A 247 -17.72 30.06 -12.45
C GLY A 247 -18.62 28.93 -12.93
N PRO A 248 -19.94 29.14 -12.85
CA PRO A 248 -20.86 28.05 -13.26
C PRO A 248 -20.67 27.59 -14.68
N ARG A 249 -20.53 28.52 -15.64
CA ARG A 249 -20.31 28.18 -17.03
C ARG A 249 -18.84 27.98 -17.36
N LYS A 250 -18.03 27.57 -16.37
CA LYS A 250 -16.60 27.40 -16.60
C LYS A 250 -16.31 26.34 -17.66
N ASP A 251 -17.14 25.30 -17.72
CA ASP A 251 -16.90 24.22 -18.66
C ASP A 251 -17.32 24.57 -20.08
N ARG A 252 -18.27 25.50 -20.24
CA ARG A 252 -18.83 25.81 -21.54
C ARG A 252 -18.38 27.13 -22.12
N ASN A 253 -17.64 27.96 -21.35
CA ASN A 253 -17.27 29.29 -21.78
C ASN A 253 -15.89 29.35 -22.43
N ALA A 254 -15.36 28.22 -22.88
CA ALA A 254 -14.09 28.15 -23.58
C ALA A 254 -12.90 28.54 -22.69
N SER A 255 -13.13 28.74 -21.39
CA SER A 255 -12.03 29.12 -20.51
C SER A 255 -10.88 28.13 -20.58
N GLY A 256 -11.19 26.84 -20.78
CA GLY A 256 -10.13 25.84 -20.89
C GLY A 256 -9.14 26.13 -21.99
N ILE A 257 -9.61 26.73 -23.09
CA ILE A 257 -8.71 27.05 -24.19
C ILE A 257 -7.64 28.03 -23.74
N ASP A 258 -8.00 28.97 -22.87
CA ASP A 258 -7.01 29.90 -22.34
C ASP A 258 -5.95 29.18 -21.54
N PHE A 259 -6.35 28.21 -20.72
CA PHE A 259 -5.41 27.50 -19.87
C PHE A 259 -4.40 26.72 -20.71
N PHE A 260 -4.88 25.95 -21.69
CA PHE A 260 -3.97 25.15 -22.51
C PHE A 260 -3.03 26.06 -23.30
N PHE A 261 -3.57 27.08 -23.95
CA PHE A 261 -2.78 27.87 -24.88
C PHE A 261 -1.70 28.66 -24.16
N MET A 262 -2.06 29.36 -23.09
CA MET A 262 -1.08 30.19 -22.38
C MET A 262 0.08 29.34 -21.89
N HIS A 263 -0.20 28.21 -21.25
CA HIS A 263 0.86 27.38 -20.70
C HIS A 263 1.66 26.69 -21.80
N ARG A 264 1.07 26.46 -22.97
CA ARG A 264 1.86 26.03 -24.12
C ARG A 264 2.73 27.17 -24.63
N HIS A 265 2.18 28.39 -24.65
CA HIS A 265 2.98 29.56 -24.99
C HIS A 265 4.15 29.71 -24.05
N MET A 266 3.94 29.47 -22.75
CA MET A 266 5.03 29.55 -21.80
C MET A 266 6.06 28.45 -22.04
N LEU A 267 5.60 27.26 -22.40
CA LEU A 267 6.53 26.16 -22.69
C LEU A 267 7.41 26.49 -23.90
N HIS A 268 6.79 26.98 -24.97
CA HIS A 268 7.52 27.20 -26.22
C HIS A 268 8.70 28.15 -25.99
N THR A 269 8.45 29.29 -25.35
CA THR A 269 9.52 30.25 -25.14
C THR A 269 10.56 29.72 -24.15
N ALA A 270 10.14 28.91 -23.19
CA ALA A 270 11.07 28.37 -22.21
C ALA A 270 11.95 27.29 -22.82
N ARG A 271 11.39 26.43 -23.67
CA ARG A 271 12.15 25.35 -24.27
C ARG A 271 13.18 25.84 -25.29
N SER A 272 13.09 27.10 -25.73
CA SER A 272 14.11 27.65 -26.60
C SER A 272 15.39 27.99 -25.85
N MET A 273 15.32 28.18 -24.53
CA MET A 273 16.48 28.51 -23.72
C MET A 273 17.10 27.30 -23.02
N GLN A 274 16.37 26.21 -22.89
CA GLN A 274 16.89 25.01 -22.25
C GLN A 274 16.06 23.81 -22.68
N ASP A 275 16.69 22.63 -22.63
CA ASP A 275 15.99 21.39 -22.92
C ASP A 275 15.13 21.02 -21.71
N LEU A 276 13.81 21.04 -21.89
CA LEU A 276 12.85 20.75 -20.83
C LEU A 276 11.99 19.57 -21.27
N PRO A 277 12.50 18.35 -21.15
CA PRO A 277 11.71 17.19 -21.57
C PRO A 277 10.44 17.06 -20.73
N SER A 278 9.35 16.72 -21.38
CA SER A 278 8.10 16.51 -20.69
C SER A 278 8.03 15.11 -20.11
N TRP A 279 7.28 14.95 -19.03
CA TRP A 279 7.08 13.63 -18.45
C TRP A 279 6.41 12.72 -19.48
N GLU A 280 6.96 11.52 -19.63
CA GLU A 280 6.29 10.47 -20.39
C GLU A 280 5.30 9.69 -19.53
N ARG A 281 5.67 9.46 -18.27
CA ARG A 281 4.79 8.81 -17.31
C ARG A 281 4.90 9.56 -15.98
N LEU A 282 3.88 9.42 -15.16
CA LEU A 282 3.90 10.05 -13.84
C LEU A 282 4.79 9.23 -12.90
N PRO A 283 5.70 9.86 -12.16
CA PRO A 283 6.55 9.11 -11.24
C PRO A 283 5.72 8.30 -10.24
N ARG A 284 6.07 7.03 -10.10
CA ARG A 284 5.37 6.16 -9.16
C ARG A 284 5.75 6.52 -7.72
N PRO A 285 4.88 6.19 -6.77
CA PRO A 285 5.23 6.44 -5.36
C PRO A 285 6.46 5.65 -4.95
N VAL A 286 7.03 6.04 -3.80
CA VAL A 286 8.23 5.40 -3.31
C VAL A 286 7.98 3.91 -3.10
N VAL A 287 8.95 3.11 -3.51
CA VAL A 287 8.86 1.65 -3.28
C VAL A 287 8.99 1.38 -1.79
N PRO A 288 8.16 0.53 -1.20
CA PRO A 288 8.31 0.23 0.23
C PRO A 288 9.70 -0.30 0.56
N LEU A 289 10.13 -0.04 1.79
CA LEU A 289 11.43 -0.53 2.25
C LEU A 289 11.47 -2.06 2.32
N GLU A 290 10.30 -2.71 2.30
CA GLU A 290 10.26 -4.16 2.44
C GLU A 290 10.73 -4.87 1.18
N TYR A 291 10.52 -4.25 0.01
CA TYR A 291 10.77 -4.91 -1.26
C TYR A 291 12.00 -4.44 -2.00
N ASP A 292 12.46 -3.21 -1.75
CA ASP A 292 13.64 -2.67 -2.44
C ASP A 292 14.34 -1.70 -1.49
N ARG A 293 15.22 -2.23 -0.65
CA ARG A 293 15.92 -1.40 0.32
C ARG A 293 16.78 -0.34 -0.35
N PRO A 294 17.61 -0.64 -1.35
CA PRO A 294 18.39 0.43 -2.00
C PRO A 294 17.52 1.45 -2.72
N GLY A 295 16.46 1.00 -3.39
CA GLY A 295 15.58 1.94 -4.07
C GLY A 295 14.87 2.88 -3.10
N PHE A 296 14.35 2.32 -2.00
CA PHE A 296 13.73 3.15 -0.98
C PHE A 296 14.68 4.24 -0.49
N ILE A 297 15.94 3.86 -0.24
CA ILE A 297 16.93 4.84 0.21
C ILE A 297 17.15 5.91 -0.85
N ARG A 298 17.29 5.50 -2.11
CA ARG A 298 17.53 6.46 -3.19
C ARG A 298 16.40 7.47 -3.29
N TYR A 299 15.17 7.03 -3.06
CA TYR A 299 14.02 7.93 -3.21
C TYR A 299 14.17 9.14 -2.30
N PHE A 300 14.72 8.95 -1.10
CA PHE A 300 14.89 10.05 -0.15
C PHE A 300 16.10 10.90 -0.46
N ASP A 301 16.91 10.53 -1.45
CA ASP A 301 17.92 11.42 -2.00
C ASP A 301 17.39 12.24 -3.16
N ASN A 302 16.16 11.96 -3.61
CA ASN A 302 15.50 12.72 -4.67
C ASN A 302 16.40 12.90 -5.88
N PRO A 303 16.98 11.81 -6.41
CA PRO A 303 18.01 11.96 -7.46
C PRO A 303 17.52 12.70 -8.69
N ASP A 304 16.38 12.30 -9.25
CA ASP A 304 15.84 12.95 -10.45
C ASP A 304 14.97 14.15 -10.13
N GLY A 305 14.87 14.55 -8.85
CA GLY A 305 14.05 15.68 -8.47
C GLY A 305 12.56 15.45 -8.56
N PHE A 306 12.12 14.26 -8.98
CA PHE A 306 10.70 13.97 -9.15
C PHE A 306 10.10 13.26 -7.95
N SER A 307 10.83 13.14 -6.85
CA SER A 307 10.30 12.48 -5.66
C SER A 307 9.29 13.38 -4.96
N VAL A 308 8.23 12.76 -4.43
CA VAL A 308 7.17 13.49 -3.75
C VAL A 308 7.72 14.06 -2.45
N PRO A 309 7.73 15.37 -2.26
CA PRO A 309 8.18 15.94 -0.98
C PRO A 309 7.24 15.54 0.14
N PRO A 310 7.76 15.20 1.33
CA PRO A 310 6.87 14.84 2.44
C PRO A 310 5.92 15.98 2.78
N ALA A 311 4.71 15.61 3.20
CA ALA A 311 3.72 16.59 3.58
C ALA A 311 4.14 17.31 4.86
N TRP A 312 3.57 18.50 5.07
CA TRP A 312 3.82 19.30 6.25
C TRP A 312 2.51 19.60 6.94
N VAL A 313 2.54 19.65 8.27
CA VAL A 313 1.34 19.89 9.08
C VAL A 313 1.14 21.39 9.19
N ALA A 314 0.05 21.88 8.61
CA ALA A 314 -0.30 23.29 8.73
C ALA A 314 -0.81 23.58 10.14
N VAL A 315 -0.44 24.75 10.66
CA VAL A 315 -0.79 25.12 12.03
C VAL A 315 -2.23 25.60 12.07
N ASP A 316 -3.00 25.09 13.05
CA ASP A 316 -4.38 25.53 13.27
C ASP A 316 -5.24 25.37 12.03
N ASP A 317 -4.94 24.36 11.21
CA ASP A 317 -5.72 24.08 10.00
C ASP A 317 -5.63 22.59 9.71
N ASP A 318 -6.29 21.78 10.55
CA ASP A 318 -6.22 20.33 10.40
C ASP A 318 -6.91 19.87 9.13
N GLU A 319 -7.98 20.55 8.70
CA GLU A 319 -8.69 20.14 7.50
C GLU A 319 -7.78 20.20 6.28
N TYR A 320 -6.93 21.24 6.19
CA TYR A 320 -6.01 21.37 5.07
C TYR A 320 -4.87 20.37 5.18
N SER A 321 -4.39 20.10 6.40
CA SER A 321 -3.29 19.17 6.58
C SER A 321 -3.67 17.76 6.15
N GLU A 322 -4.85 17.29 6.57
CA GLU A 322 -5.33 15.99 6.13
C GLU A 322 -5.52 15.96 4.62
N TRP A 323 -5.97 17.09 4.04
CA TRP A 323 -6.16 17.17 2.60
C TRP A 323 -4.83 17.02 1.87
N LEU A 324 -3.82 17.78 2.29
CA LEU A 324 -2.51 17.70 1.65
C LEU A 324 -1.90 16.33 1.83
N HIS A 325 -2.05 15.73 3.02
CA HIS A 325 -1.43 14.45 3.30
C HIS A 325 -1.92 13.38 2.32
N GLY A 326 -3.24 13.24 2.18
CA GLY A 326 -3.76 12.25 1.24
C GLY A 326 -3.40 12.57 -0.20
N LEU A 327 -3.40 13.86 -0.55
CA LEU A 327 -2.99 14.27 -1.88
C LEU A 327 -1.60 13.76 -2.22
N LYS A 328 -0.74 13.57 -1.21
CA LYS A 328 0.60 13.05 -1.41
C LYS A 328 0.72 11.56 -1.13
N SER A 329 -0.31 10.94 -0.56
CA SER A 329 -0.24 9.53 -0.20
C SER A 329 -0.09 8.64 -1.43
N ALA A 330 0.06 7.34 -1.21
CA ALA A 330 0.16 6.40 -2.32
C ALA A 330 -1.21 6.00 -2.84
N GLU A 331 -2.21 5.89 -1.97
CA GLU A 331 -3.54 5.51 -2.41
C GLU A 331 -4.21 6.60 -3.24
N ALA A 332 -3.73 7.84 -3.12
CA ALA A 332 -4.20 8.90 -4.02
C ALA A 332 -3.62 8.74 -5.41
N TYR A 333 -2.40 8.19 -5.51
CA TYR A 333 -1.82 7.92 -6.82
C TYR A 333 -2.61 6.86 -7.58
N HIS A 334 -3.05 5.82 -6.88
CA HIS A 334 -3.81 4.75 -7.52
C HIS A 334 -5.28 5.10 -7.70
N ALA A 335 -5.81 6.01 -6.89
CA ALA A 335 -7.23 6.35 -6.97
C ALA A 335 -7.52 7.51 -7.90
N ASN A 336 -6.59 8.47 -8.02
CA ASN A 336 -6.84 9.69 -8.79
C ASN A 336 -5.80 9.87 -9.88
N PHE A 337 -4.53 10.09 -9.53
CA PHE A 337 -3.53 10.45 -10.52
C PHE A 337 -3.42 9.39 -11.61
N LEU A 338 -3.54 8.12 -11.25
CA LEU A 338 -3.47 7.06 -12.24
C LEU A 338 -4.71 7.04 -13.13
N VAL A 339 -5.85 7.48 -12.60
CA VAL A 339 -7.06 7.56 -13.42
C VAL A 339 -6.94 8.70 -14.43
N TRP A 340 -6.42 9.84 -13.99
CA TRP A 340 -6.24 10.96 -14.91
C TRP A 340 -5.25 10.62 -16.02
N GLU A 341 -4.14 9.97 -15.69
CA GLU A 341 -3.18 9.56 -16.70
C GLU A 341 -3.83 8.60 -17.70
N SER A 342 -4.85 7.86 -17.28
CA SER A 342 -5.54 6.94 -18.18
C SER A 342 -6.60 7.68 -19.00
N GLN A 343 -7.45 8.46 -18.33
CA GLN A 343 -8.52 9.17 -19.02
C GLN A 343 -7.99 10.05 -20.13
N TYR A 344 -7.06 10.95 -19.80
CA TYR A 344 -6.58 11.95 -20.75
C TYR A 344 -5.62 11.38 -21.79
N GLN A 345 -5.49 10.06 -21.87
CA GLN A 345 -4.84 9.40 -23.00
C GLN A 345 -5.74 8.37 -23.65
N ASP A 346 -6.99 8.26 -23.20
CA ASP A 346 -7.96 7.34 -23.79
C ASP A 346 -8.67 8.05 -24.93
N PRO A 347 -8.65 7.50 -26.16
CA PRO A 347 -9.35 8.21 -27.25
C PRO A 347 -10.85 8.33 -27.02
N ALA A 348 -11.50 7.25 -26.58
CA ALA A 348 -12.94 7.30 -26.35
C ALA A 348 -13.30 8.35 -25.31
N TYR A 349 -12.43 8.57 -24.32
CA TYR A 349 -12.73 9.56 -23.28
C TYR A 349 -12.53 10.98 -23.80
N LEU A 350 -11.47 11.19 -24.58
CA LEU A 350 -11.16 12.54 -25.08
C LEU A 350 -12.09 12.97 -26.20
N ALA A 351 -12.57 12.03 -27.01
CA ALA A 351 -13.42 12.37 -28.14
C ALA A 351 -14.76 12.98 -27.73
N LYS A 352 -15.11 12.94 -26.44
CA LYS A 352 -16.36 13.50 -25.96
C LYS A 352 -16.23 14.95 -25.50
N LEU A 353 -15.03 15.51 -25.49
CA LEU A 353 -14.79 16.82 -24.91
C LEU A 353 -14.31 17.80 -25.97
N THR A 354 -14.83 19.03 -25.90
CA THR A 354 -14.26 20.13 -26.65
C THR A 354 -13.04 20.67 -25.90
N LEU A 355 -12.18 21.38 -26.64
CA LEU A 355 -10.95 21.89 -26.05
C LEU A 355 -11.25 22.72 -24.81
N GLY A 356 -12.34 23.48 -24.83
CA GLY A 356 -12.73 24.24 -23.66
C GLY A 356 -13.08 23.36 -22.48
N GLN A 357 -13.74 22.23 -22.75
CA GLN A 357 -14.07 21.28 -21.68
C GLN A 357 -12.83 20.55 -21.19
N PHE A 358 -12.03 20.02 -22.10
CA PHE A 358 -10.84 19.27 -21.71
C PHE A 358 -9.91 20.14 -20.87
N GLY A 359 -9.77 21.41 -21.22
CA GLY A 359 -8.90 22.29 -20.44
C GLY A 359 -9.46 22.57 -19.06
N SER A 360 -10.74 22.95 -18.98
CA SER A 360 -11.33 23.28 -17.69
C SER A 360 -11.38 22.07 -16.77
N GLU A 361 -11.71 20.91 -17.31
CA GLU A 361 -11.74 19.70 -16.50
C GLU A 361 -10.33 19.37 -15.98
N LEU A 362 -9.33 19.44 -16.85
CA LEU A 362 -7.98 19.11 -16.45
C LEU A 362 -7.42 20.11 -15.47
N GLU A 363 -7.66 21.40 -15.69
CA GLU A 363 -7.08 22.42 -14.81
C GLU A 363 -7.66 22.32 -13.40
N LEU A 364 -8.98 22.18 -13.29
CA LEU A 364 -9.63 22.24 -11.98
C LEU A 364 -9.33 21.01 -11.13
N GLY A 365 -9.05 19.87 -11.76
CA GLY A 365 -8.83 18.64 -11.03
C GLY A 365 -7.38 18.23 -10.93
N MET A 366 -6.77 17.87 -12.06
CA MET A 366 -5.42 17.33 -12.06
C MET A 366 -4.38 18.42 -11.85
N HIS A 367 -4.45 19.48 -12.65
CA HIS A 367 -3.43 20.54 -12.61
C HIS A 367 -3.19 21.02 -11.17
N ASP A 368 -4.27 21.42 -10.49
CA ASP A 368 -4.13 21.92 -9.12
C ASP A 368 -3.58 20.85 -8.19
N TRP A 369 -3.92 19.58 -8.42
CA TRP A 369 -3.40 18.51 -7.58
C TRP A 369 -1.96 18.17 -7.93
N LEU A 370 -1.57 18.31 -9.20
CA LEU A 370 -0.17 18.07 -9.55
C LEU A 370 0.76 19.04 -8.83
N HIS A 371 0.36 20.31 -8.73
CA HIS A 371 1.18 21.30 -8.05
C HIS A 371 1.41 20.92 -6.59
N MET A 372 0.32 20.65 -5.86
CA MET A 372 0.42 20.39 -4.43
C MET A 372 1.04 19.04 -4.12
N ARG A 373 0.98 18.08 -5.03
CA ARG A 373 1.60 16.78 -4.77
C ARG A 373 3.12 16.91 -4.72
N TRP A 374 3.70 17.62 -5.67
CA TRP A 374 5.14 17.82 -5.73
C TRP A 374 5.58 19.14 -5.09
N ALA A 375 4.70 19.76 -4.31
CA ALA A 375 5.03 21.03 -3.67
C ALA A 375 5.84 20.79 -2.39
N SER A 376 6.87 21.59 -2.20
CA SER A 376 7.63 21.60 -0.96
C SER A 376 7.11 22.69 -0.03
N VAL A 377 7.55 22.64 1.23
CA VAL A 377 7.07 23.59 2.23
C VAL A 377 7.47 25.01 1.83
N THR A 378 6.61 25.97 2.18
CA THR A 378 6.91 27.38 1.96
C THR A 378 8.10 27.79 2.83
N ARG A 379 9.05 28.50 2.23
CA ARG A 379 10.29 28.87 2.91
C ARG A 379 10.55 30.36 2.78
N ASP A 380 11.33 30.89 3.71
CA ASP A 380 11.74 32.28 3.62
C ASP A 380 12.79 32.42 2.52
N PRO A 381 12.64 33.38 1.59
CA PRO A 381 13.65 33.50 0.53
C PRO A 381 15.04 33.86 1.04
N SER A 382 15.12 34.65 2.11
CA SER A 382 16.41 35.14 2.60
C SER A 382 17.26 34.02 3.18
N ASN A 383 16.69 33.18 4.04
CA ASN A 383 17.47 32.16 4.73
C ASN A 383 17.16 30.74 4.30
N GLY A 384 15.99 30.47 3.72
CA GLY A 384 15.64 29.14 3.28
C GLY A 384 15.07 28.24 4.36
N ALA A 385 14.92 28.71 5.58
CA ALA A 385 14.31 27.91 6.63
C ALA A 385 12.82 27.80 6.36
N PRO A 386 12.16 26.75 6.86
CA PRO A 386 10.74 26.58 6.54
C PRO A 386 9.88 27.68 7.18
N VAL A 387 8.94 28.18 6.39
CA VAL A 387 7.99 29.20 6.82
C VAL A 387 6.60 28.59 6.79
N MET A 388 5.97 28.50 7.96
CA MET A 388 4.64 27.90 8.04
C MET A 388 3.58 28.76 7.36
N THR A 389 3.75 30.08 7.39
CA THR A 389 2.75 31.01 6.86
C THR A 389 3.03 31.26 5.39
N ASP A 390 2.11 30.82 4.52
CA ASP A 390 2.24 31.07 3.10
C ASP A 390 2.26 32.56 2.81
N ARG A 391 2.94 32.93 1.73
CA ARG A 391 3.01 34.33 1.32
C ARG A 391 1.61 34.89 1.08
N PHE A 392 1.39 36.12 1.54
CA PHE A 392 0.15 36.80 1.25
C PHE A 392 0.11 37.18 -0.23
N PRO A 393 -1.04 37.01 -0.90
CA PRO A 393 -1.08 37.31 -2.34
C PRO A 393 -0.77 38.77 -2.66
N ALA A 394 -1.02 39.69 -1.73
CA ALA A 394 -0.72 41.10 -1.95
C ALA A 394 0.67 41.49 -1.50
N ASP A 395 1.38 40.62 -0.79
CA ASP A 395 2.74 40.91 -0.34
C ASP A 395 3.69 40.88 -1.53
N PHE A 396 4.28 42.04 -1.84
CA PHE A 396 5.20 42.17 -2.96
C PHE A 396 6.59 42.57 -2.49
N ALA A 397 6.95 42.18 -1.27
CA ALA A 397 8.26 42.50 -0.72
C ALA A 397 9.35 42.07 -1.68
N PRO A 398 10.54 42.70 -1.63
CA PRO A 398 11.58 42.34 -2.60
C PRO A 398 12.21 40.98 -2.36
N ARG A 399 12.12 40.44 -1.14
CA ARG A 399 12.76 39.17 -0.86
C ARG A 399 12.06 38.02 -1.57
N TRP A 400 10.73 38.08 -1.67
CA TRP A 400 9.99 37.01 -2.33
C TRP A 400 10.43 36.81 -3.79
N PHE A 401 11.08 37.80 -4.39
CA PHE A 401 11.48 37.72 -5.78
C PHE A 401 12.79 36.97 -5.98
N ARG A 402 13.42 36.49 -4.91
CA ARG A 402 14.67 35.76 -5.05
C ARG A 402 14.42 34.38 -5.68
N PRO A 403 15.42 33.80 -6.33
CA PRO A 403 15.22 32.46 -6.92
C PRO A 403 14.94 31.38 -5.90
N GLU A 404 15.21 31.62 -4.62
CA GLU A 404 14.93 30.61 -3.61
C GLU A 404 13.45 30.28 -3.54
N ASN A 405 12.58 31.23 -3.88
CA ASN A 405 11.14 31.05 -3.75
C ASN A 405 10.63 30.40 -5.03
N ASP A 406 10.35 29.09 -4.94
CA ASP A 406 9.77 28.32 -6.04
C ASP A 406 8.60 27.51 -5.55
N PHE A 407 7.82 28.07 -4.63
CA PHE A 407 6.69 27.35 -4.04
C PHE A 407 5.67 27.01 -5.12
N LEU A 408 5.38 25.71 -5.26
CA LEU A 408 4.48 25.25 -6.31
C LEU A 408 3.02 25.57 -6.01
N GLY A 409 2.69 25.91 -4.76
CA GLY A 409 1.34 26.27 -4.39
C GLY A 409 0.93 27.68 -4.72
N ASP A 410 1.76 28.43 -5.43
CA ASP A 410 1.49 29.82 -5.76
C ASP A 410 1.87 30.08 -7.21
N PRO A 411 0.97 30.63 -8.03
CA PRO A 411 1.35 30.98 -9.40
C PRO A 411 2.43 32.05 -9.47
N PHE A 412 2.57 32.87 -8.42
CA PHE A 412 3.63 33.88 -8.38
C PHE A 412 5.01 33.24 -8.39
N SER A 413 5.12 31.97 -7.97
CA SER A 413 6.42 31.31 -7.88
C SER A 413 6.43 29.89 -8.42
N SER A 414 5.29 29.31 -8.78
CA SER A 414 5.26 27.91 -9.18
C SER A 414 6.09 27.67 -10.44
N HIS A 415 6.09 28.63 -11.36
CA HIS A 415 6.82 28.47 -12.61
C HIS A 415 8.33 28.39 -12.43
N VAL A 416 8.84 28.69 -11.23
CA VAL A 416 10.27 28.61 -10.99
C VAL A 416 10.68 27.18 -10.67
N ASN A 417 9.79 26.40 -10.06
CA ASN A 417 10.14 25.03 -9.69
C ASN A 417 10.44 24.20 -10.93
N PRO A 418 11.56 23.48 -10.98
CA PRO A 418 11.85 22.66 -12.18
C PRO A 418 10.77 21.63 -12.46
N VAL A 419 10.10 21.10 -11.43
CA VAL A 419 9.06 20.11 -11.66
C VAL A 419 7.89 20.72 -12.41
N PHE A 420 7.66 22.02 -12.23
CA PHE A 420 6.58 22.71 -12.96
C PHE A 420 6.61 22.35 -14.44
N TRP A 421 7.79 22.40 -15.05
CA TRP A 421 7.91 22.22 -16.48
C TRP A 421 7.83 20.77 -16.91
N SER A 422 8.08 19.83 -15.99
CA SER A 422 7.96 18.41 -16.35
C SER A 422 6.51 18.02 -16.55
N PHE A 423 5.64 18.38 -15.59
CA PHE A 423 4.25 17.94 -15.69
C PHE A 423 3.40 18.87 -16.55
N HIS A 424 3.78 20.14 -16.70
CA HIS A 424 3.07 20.98 -17.66
C HIS A 424 3.40 20.58 -19.09
N GLY A 425 4.60 20.08 -19.33
CA GLY A 425 4.87 19.45 -20.62
C GLY A 425 4.02 18.22 -20.84
N TRP A 426 3.79 17.44 -19.77
CA TRP A 426 2.89 16.29 -19.88
C TRP A 426 1.50 16.73 -20.28
N ILE A 427 0.94 17.70 -19.55
CA ILE A 427 -0.41 18.21 -19.85
C ILE A 427 -0.49 18.64 -21.31
N ASP A 428 0.50 19.42 -21.76
CA ASP A 428 0.47 19.94 -23.12
C ASP A 428 0.41 18.81 -24.14
N ASP A 429 1.29 17.81 -23.99
CA ASP A 429 1.33 16.70 -24.94
C ASP A 429 -0.03 16.01 -25.05
N ARG A 430 -0.81 16.01 -23.96
CA ARG A 430 -2.12 15.39 -23.99
C ARG A 430 -3.10 16.12 -24.92
N ILE A 431 -2.80 17.37 -25.27
CA ILE A 431 -3.65 18.09 -26.23
C ILE A 431 -3.61 17.37 -27.57
N GLU A 432 -2.48 16.75 -27.91
CA GLU A 432 -2.39 16.02 -29.17
C GLU A 432 -3.20 14.72 -29.11
N ASP A 433 -3.22 14.06 -27.95
CA ASP A 433 -4.11 12.93 -27.76
C ASP A 433 -5.55 13.33 -27.99
N TRP A 434 -5.92 14.56 -27.63
CA TRP A 434 -7.27 15.05 -27.85
C TRP A 434 -7.52 15.30 -29.33
N TYR A 435 -6.50 15.73 -30.07
CA TYR A 435 -6.64 15.89 -31.52
C TYR A 435 -6.68 14.53 -32.22
N ARG A 436 -5.76 13.64 -31.87
CA ARG A 436 -5.77 12.31 -32.47
C ARG A 436 -7.10 11.59 -32.21
N ALA A 437 -7.70 11.83 -31.05
CA ALA A 437 -8.96 11.17 -30.73
C ALA A 437 -10.08 11.64 -31.64
N HIS A 438 -10.16 12.94 -31.92
CA HIS A 438 -11.22 13.46 -32.76
C HIS A 438 -11.02 13.06 -34.21
N GLU A 439 -9.77 13.04 -34.69
CA GLU A 439 -9.51 12.57 -36.04
C GLU A 439 -9.96 11.11 -36.21
N ARG A 440 -10.06 10.36 -35.12
CA ARG A 440 -10.52 8.98 -35.20
C ARG A 440 -12.04 8.90 -35.25
N PHE A 441 -12.72 9.56 -34.31
CA PHE A 441 -14.16 9.50 -34.22
C PHE A 441 -14.87 10.57 -35.03
N HIS A 442 -14.21 11.69 -35.32
CA HIS A 442 -14.81 12.80 -36.07
C HIS A 442 -13.77 13.34 -37.04
N PRO A 443 -13.41 12.54 -38.05
CA PRO A 443 -12.34 12.95 -38.98
C PRO A 443 -12.74 14.20 -39.75
N GLY A 444 -11.90 15.24 -39.64
CA GLY A 444 -12.07 16.48 -40.37
C GLY A 444 -12.68 17.60 -39.57
N GLU A 445 -13.37 17.30 -38.47
CA GLU A 445 -14.06 18.33 -37.70
C GLU A 445 -13.11 19.17 -36.85
N VAL A 446 -11.84 18.80 -36.77
CA VAL A 446 -10.83 19.59 -36.06
C VAL A 446 -9.67 19.85 -37.02
N GLN A 447 -9.31 21.12 -37.19
CA GLN A 447 -8.29 21.54 -38.13
C GLN A 447 -7.19 22.27 -37.38
N ARG A 448 -5.93 21.93 -37.69
CA ARG A 448 -4.81 22.61 -37.09
C ARG A 448 -4.72 24.04 -37.61
N ARG A 449 -3.91 24.85 -36.92
CA ARG A 449 -3.68 26.23 -37.32
C ARG A 449 -2.59 26.80 -36.41
N GLU A 450 -1.88 27.80 -36.93
CA GLU A 450 -0.82 28.46 -36.17
C GLU A 450 -1.35 29.77 -35.61
N VAL A 451 -1.22 29.95 -34.31
CA VAL A 451 -1.77 31.10 -33.61
C VAL A 451 -0.68 31.69 -32.72
N GLU A 452 -0.34 32.95 -32.97
CA GLU A 452 0.71 33.64 -32.20
C GLU A 452 2.04 32.91 -32.31
N GLY A 453 2.31 32.33 -33.48
CA GLY A 453 3.51 31.55 -33.66
C GLY A 453 3.54 30.26 -32.86
N ILE A 454 2.38 29.65 -32.64
CA ILE A 454 2.26 28.44 -31.84
C ILE A 454 1.30 27.48 -32.55
N GLN A 455 1.69 26.21 -32.63
CA GLN A 455 0.81 25.21 -33.21
C GLN A 455 -0.46 25.09 -32.37
N TRP A 456 -1.61 25.26 -33.02
CA TRP A 456 -2.88 25.25 -32.32
C TRP A 456 -3.96 24.63 -33.22
N PHE A 457 -5.20 25.09 -33.09
CA PHE A 457 -6.31 24.50 -33.82
C PHE A 457 -7.31 25.60 -34.17
N ALA A 458 -8.00 25.42 -35.29
CA ALA A 458 -8.93 26.43 -35.76
C ALA A 458 -10.25 26.35 -35.00
N PRO A 459 -10.93 27.48 -34.81
CA PRO A 459 -12.23 27.46 -34.12
C PRO A 459 -13.24 26.63 -34.90
N GLY A 460 -13.94 25.76 -34.19
CA GLY A 460 -14.89 24.89 -34.85
C GLY A 460 -15.77 24.16 -33.86
N ARG A 461 -16.32 23.04 -34.32
CA ARG A 461 -17.24 22.24 -33.50
C ARG A 461 -16.61 21.89 -32.16
N TRP A 462 -15.30 21.65 -32.14
CA TRP A 462 -14.61 21.23 -30.92
C TRP A 462 -13.62 22.27 -30.42
N VAL A 463 -13.53 23.43 -31.07
CA VAL A 463 -12.73 24.56 -30.59
C VAL A 463 -13.69 25.75 -30.47
N GLU A 464 -14.00 26.13 -29.23
CA GLU A 464 -15.07 27.10 -29.01
C GLU A 464 -14.69 28.47 -29.54
N VAL A 465 -13.48 28.95 -29.23
CA VAL A 465 -13.06 30.30 -29.59
C VAL A 465 -11.70 30.22 -30.26
N GLY A 466 -11.34 31.31 -30.95
CA GLY A 466 -10.10 31.38 -31.70
C GLY A 466 -9.21 32.53 -31.29
N ASP A 467 -9.41 33.06 -30.09
CA ASP A 467 -8.60 34.17 -29.56
C ASP A 467 -8.15 33.83 -28.15
N PRO A 468 -7.16 32.95 -28.02
CA PRO A 468 -6.62 32.64 -26.68
C PRO A 468 -6.20 33.91 -25.95
N TRP A 469 -6.31 33.88 -24.63
CA TRP A 469 -6.04 35.04 -23.79
C TRP A 469 -4.63 34.91 -23.22
N LEU A 470 -3.70 35.69 -23.76
CA LEU A 470 -2.34 35.79 -23.23
C LEU A 470 -2.15 37.05 -22.39
N GLY A 471 -3.20 37.53 -21.74
CA GLY A 471 -3.14 38.74 -20.96
C GLY A 471 -3.52 39.96 -21.76
N PRO A 472 -3.04 41.15 -21.35
CA PRO A 472 -3.34 42.36 -22.12
C PRO A 472 -2.73 42.38 -23.51
N ALA A 473 -1.72 41.54 -23.78
CA ALA A 473 -1.12 41.51 -25.10
C ALA A 473 -2.15 41.16 -26.17
N THR A 474 -3.06 40.24 -25.85
CA THR A 474 -4.06 39.78 -26.82
C THR A 474 -5.41 40.48 -26.68
N HIS A 475 -5.79 40.89 -25.46
CA HIS A 475 -7.09 41.53 -25.22
C HIS A 475 -6.90 42.77 -24.36
N GLY A 476 -5.96 43.62 -24.72
CA GLY A 476 -5.71 44.86 -24.00
C GLY A 476 -6.16 46.09 -24.76
N LEU A 491 5.39 44.24 -20.57
CA LEU A 491 4.34 44.44 -19.57
C LEU A 491 4.77 45.46 -18.53
N ASP A 492 3.79 46.08 -17.87
CA ASP A 492 4.04 47.09 -16.85
C ASP A 492 3.98 46.44 -15.48
N VAL A 493 5.08 46.54 -14.73
CA VAL A 493 5.17 45.88 -13.44
C VAL A 493 4.27 46.56 -12.41
N GLU A 494 4.26 47.90 -12.40
CA GLU A 494 3.48 48.62 -11.41
C GLU A 494 1.98 48.46 -11.65
N THR A 495 1.56 48.30 -12.91
CA THR A 495 0.16 48.05 -13.20
C THR A 495 -0.29 46.72 -12.60
N MET A 496 0.50 45.67 -12.81
CA MET A 496 0.11 44.35 -12.34
C MET A 496 0.00 44.32 -10.82
N LYS A 497 0.87 45.03 -10.11
CA LYS A 497 0.73 45.12 -8.67
C LYS A 497 -0.60 45.75 -8.29
N LEU A 498 -1.01 46.81 -9.00
CA LEU A 498 -2.30 47.41 -8.75
C LEU A 498 -3.43 46.42 -8.98
N ALA A 499 -3.46 45.79 -10.16
CA ALA A 499 -4.51 44.83 -10.47
C ALA A 499 -4.61 43.75 -9.40
N LEU A 500 -3.47 43.22 -8.96
CA LEU A 500 -3.48 42.22 -7.90
C LEU A 500 -4.05 42.80 -6.61
N ARG A 501 -3.74 44.06 -6.33
CA ARG A 501 -4.29 44.71 -5.14
C ARG A 501 -5.80 44.85 -5.24
N ILE A 502 -6.31 45.16 -6.43
CA ILE A 502 -7.76 45.25 -6.63
C ILE A 502 -8.41 43.92 -6.29
N ILE A 503 -7.82 42.82 -6.76
CA ILE A 503 -8.43 41.51 -6.55
C ILE A 503 -8.39 41.12 -5.08
N PHE A 504 -7.23 41.28 -4.44
CA PHE A 504 -7.06 40.86 -3.06
C PHE A 504 -7.22 42.04 -2.10
N PRO B 28 -26.05 21.80 -16.18
CA PRO B 28 -25.30 21.13 -15.12
C PRO B 28 -23.94 21.79 -14.86
N GLN B 29 -23.41 21.62 -13.65
CA GLN B 29 -22.15 22.22 -13.26
C GLN B 29 -21.11 21.14 -12.99
N THR B 30 -19.90 21.36 -13.51
CA THR B 30 -18.80 20.44 -13.31
C THR B 30 -18.20 20.63 -11.92
N PRO B 31 -17.50 19.63 -11.39
CA PRO B 31 -16.92 19.77 -10.05
C PRO B 31 -15.96 20.95 -9.99
N ASP B 32 -15.97 21.65 -8.86
CA ASP B 32 -15.09 22.80 -8.67
C ASP B 32 -13.69 22.41 -8.23
N GLU B 33 -13.49 21.16 -7.79
CA GLU B 33 -12.17 20.70 -7.38
C GLU B 33 -12.21 19.19 -7.24
N ALA B 34 -11.03 18.58 -7.32
CA ALA B 34 -10.90 17.13 -7.24
C ALA B 34 -10.97 16.66 -5.79
N SER B 35 -11.47 15.44 -5.61
CA SER B 35 -11.62 14.85 -4.29
C SER B 35 -11.15 13.41 -4.34
N LEU B 36 -10.42 12.99 -3.31
CA LEU B 36 -9.90 11.63 -3.24
C LEU B 36 -11.01 10.62 -3.50
N ASP B 37 -10.86 9.86 -4.59
CA ASP B 37 -11.90 8.94 -5.05
C ASP B 37 -11.43 7.50 -4.81
N LEU B 38 -11.44 7.10 -3.54
CA LEU B 38 -11.07 5.74 -3.20
C LEU B 38 -12.13 4.75 -3.67
N ALA B 39 -11.68 3.56 -4.07
CA ALA B 39 -12.59 2.55 -4.58
C ALA B 39 -13.59 2.14 -3.50
N ALA B 40 -14.77 1.73 -3.96
CA ALA B 40 -15.83 1.27 -3.08
C ALA B 40 -15.83 -0.26 -3.02
N THR B 41 -16.85 -0.83 -2.39
CA THR B 41 -16.95 -2.28 -2.30
C THR B 41 -16.97 -2.91 -3.68
N ASP B 42 -17.83 -2.40 -4.58
CA ASP B 42 -17.93 -2.97 -5.92
C ASP B 42 -16.64 -2.78 -6.70
N GLY B 43 -15.98 -1.63 -6.54
CA GLY B 43 -14.72 -1.40 -7.23
C GLY B 43 -13.59 -2.24 -6.69
N ILE B 44 -13.56 -2.43 -5.36
CA ILE B 44 -12.53 -3.27 -4.75
C ILE B 44 -12.65 -4.71 -5.21
N ARG B 45 -13.89 -5.22 -5.29
CA ARG B 45 -14.08 -6.60 -5.71
C ARG B 45 -13.69 -6.80 -7.17
N LEU B 46 -13.97 -5.80 -8.02
CA LEU B 46 -13.56 -5.91 -9.42
C LEU B 46 -12.05 -6.01 -9.54
N GLY B 47 -11.32 -5.14 -8.84
CA GLY B 47 -9.86 -5.20 -8.89
C GLY B 47 -9.32 -6.52 -8.41
N ASP B 48 -10.01 -7.17 -7.47
CA ASP B 48 -9.55 -8.47 -6.99
C ASP B 48 -9.82 -9.57 -8.01
N ARG B 49 -10.87 -9.41 -8.84
CA ARG B 49 -11.12 -10.38 -9.89
C ARG B 49 -10.07 -10.32 -10.98
N LEU B 50 -9.41 -9.17 -11.15
CA LEU B 50 -8.43 -8.98 -12.21
C LEU B 50 -7.01 -9.28 -11.77
N ARG B 51 -6.66 -8.94 -10.53
CA ARG B 51 -5.28 -9.07 -10.07
C ARG B 51 -4.79 -10.51 -10.18
N GLY B 52 -3.73 -10.71 -10.95
CA GLY B 52 -3.14 -12.01 -11.10
C GLY B 52 -2.59 -12.19 -12.51
N LEU B 53 -2.25 -13.44 -12.82
CA LEU B 53 -1.63 -13.81 -14.08
C LEU B 53 -2.62 -14.59 -14.93
N TRP B 54 -2.76 -14.21 -16.19
CA TRP B 54 -3.72 -14.81 -17.10
C TRP B 54 -3.00 -15.42 -18.30
N ASP B 55 -3.59 -16.48 -18.86
CA ASP B 55 -3.12 -17.08 -20.09
C ASP B 55 -3.96 -16.54 -21.24
N LEU B 56 -3.29 -15.91 -22.21
CA LEU B 56 -3.97 -15.15 -23.26
C LEU B 56 -3.92 -15.89 -24.58
N ARG B 57 -4.94 -15.67 -25.40
CA ARG B 57 -5.05 -16.29 -26.71
C ARG B 57 -5.80 -15.34 -27.64
N LEU B 58 -5.22 -15.10 -28.81
CA LEU B 58 -5.81 -14.18 -29.79
C LEU B 58 -6.56 -14.96 -30.85
N VAL B 59 -7.73 -14.46 -31.23
CA VAL B 59 -8.61 -15.12 -32.19
C VAL B 59 -9.07 -14.11 -33.22
N GLY B 60 -9.19 -14.56 -34.47
CA GLY B 60 -9.66 -13.71 -35.54
C GLY B 60 -8.71 -13.62 -36.71
N GLY B 61 -9.21 -13.15 -37.87
CA GLY B 61 -8.35 -13.01 -39.04
C GLY B 61 -7.36 -11.87 -38.92
N ASP B 62 -7.73 -10.80 -38.22
CA ASP B 62 -6.87 -9.65 -38.01
C ASP B 62 -6.26 -9.65 -36.61
N ALA B 63 -6.17 -10.81 -35.97
CA ALA B 63 -5.66 -10.91 -34.61
C ALA B 63 -4.14 -11.08 -34.68
N GLU B 64 -3.42 -9.98 -34.49
CA GLU B 64 -1.96 -10.01 -34.54
C GLU B 64 -1.42 -8.79 -33.81
N LEU B 65 -0.45 -9.02 -32.93
CA LEU B 65 0.27 -7.93 -32.28
C LEU B 65 1.70 -7.92 -32.76
N PRO B 66 2.26 -6.75 -33.12
CA PRO B 66 3.64 -6.72 -33.64
C PRO B 66 4.63 -7.49 -32.78
N GLY B 67 5.27 -8.49 -33.38
CA GLY B 67 6.30 -9.26 -32.71
C GLY B 67 5.81 -10.28 -31.71
N LEU B 68 4.51 -10.59 -31.70
CA LEU B 68 3.96 -11.52 -30.74
C LEU B 68 3.14 -12.60 -31.45
N PRO B 69 3.23 -13.86 -31.00
CA PRO B 69 2.39 -14.91 -31.60
C PRO B 69 0.93 -14.74 -31.25
N ARG B 70 0.07 -15.62 -31.77
CA ARG B 70 -1.33 -15.63 -31.40
C ARG B 70 -1.63 -16.53 -30.22
N GLU B 71 -0.78 -17.51 -29.96
CA GLU B 71 -0.95 -18.48 -28.88
C GLU B 71 0.20 -18.36 -27.88
N GLY B 72 0.03 -18.98 -26.73
CA GLY B 72 1.09 -19.04 -25.74
C GLY B 72 1.46 -17.70 -25.15
N LEU B 73 0.49 -16.80 -25.00
CA LEU B 73 0.72 -15.50 -24.40
C LEU B 73 0.24 -15.50 -22.95
N GLN B 74 0.58 -14.43 -22.24
CA GLN B 74 0.12 -14.24 -20.86
C GLN B 74 -0.18 -12.76 -20.64
N LEU B 75 -1.18 -12.51 -19.80
CA LEU B 75 -1.58 -11.16 -19.42
C LEU B 75 -1.53 -11.06 -17.91
N VAL B 76 -0.64 -10.21 -17.40
CA VAL B 76 -0.51 -9.94 -15.98
C VAL B 76 -1.12 -8.58 -15.69
N LEU B 77 -1.94 -8.51 -14.65
CA LEU B 77 -2.63 -7.28 -14.27
C LEU B 77 -2.50 -7.08 -12.76
N ASP B 78 -2.71 -5.84 -12.34
CA ASP B 78 -2.65 -5.51 -10.93
C ASP B 78 -3.50 -4.28 -10.65
N VAL B 79 -4.05 -4.22 -9.45
CA VAL B 79 -4.84 -3.08 -8.99
C VAL B 79 -4.54 -2.87 -7.51
N ALA B 80 -4.29 -1.63 -7.12
CA ALA B 80 -4.02 -1.33 -5.74
C ALA B 80 -5.20 -1.74 -4.87
N PRO B 81 -4.99 -1.92 -3.57
CA PRO B 81 -6.08 -2.39 -2.70
C PRO B 81 -7.37 -1.58 -2.84
N LYS B 82 -7.28 -0.25 -2.77
CA LYS B 82 -8.43 0.62 -2.96
C LYS B 82 -8.24 1.55 -4.15
N GLY B 83 -7.48 1.09 -5.15
CA GLY B 83 -7.22 1.90 -6.32
C GLY B 83 -8.27 1.71 -7.39
N ARG B 84 -8.33 2.67 -8.31
CA ARG B 84 -9.23 2.61 -9.45
C ARG B 84 -8.50 2.57 -10.78
N GLY B 85 -7.18 2.59 -10.78
CA GLY B 85 -6.40 2.50 -12.00
C GLY B 85 -5.87 1.09 -12.20
N LEU B 86 -5.86 0.65 -13.46
CA LEU B 86 -5.50 -0.71 -13.83
C LEU B 86 -4.23 -0.69 -14.67
N ILE B 87 -3.25 -1.52 -14.29
CA ILE B 87 -2.00 -1.64 -15.00
C ILE B 87 -1.71 -3.11 -15.26
N GLY B 88 -0.68 -3.36 -16.07
CA GLY B 88 -0.30 -4.73 -16.38
C GLY B 88 0.64 -4.77 -17.57
N TYR B 89 0.91 -5.99 -18.02
CA TYR B 89 1.79 -6.23 -19.16
C TYR B 89 1.29 -7.42 -19.94
N LEU B 90 1.64 -7.46 -21.23
CA LEU B 90 1.15 -8.47 -22.16
C LEU B 90 2.33 -8.93 -23.02
N ASP B 91 2.75 -10.16 -22.84
CA ASP B 91 3.88 -10.71 -23.58
C ASP B 91 3.88 -12.22 -23.38
N THR B 92 4.96 -12.88 -23.83
CA THR B 92 5.09 -14.31 -23.63
C THR B 92 5.48 -14.60 -22.18
N PRO B 93 5.16 -15.81 -21.68
CA PRO B 93 5.48 -16.11 -20.28
C PRO B 93 6.94 -15.84 -19.93
N GLU B 94 7.86 -16.18 -20.82
CA GLU B 94 9.28 -16.01 -20.53
C GLU B 94 9.63 -14.54 -20.40
N ARG B 95 9.10 -13.69 -21.29
CA ARG B 95 9.46 -12.28 -21.28
C ARG B 95 8.89 -11.55 -20.08
N LEU B 96 7.71 -11.95 -19.61
CA LEU B 96 7.14 -11.30 -18.43
C LEU B 96 8.04 -11.48 -17.21
N LEU B 97 8.67 -12.64 -17.10
CA LEU B 97 9.62 -12.90 -16.02
C LEU B 97 10.99 -12.32 -16.30
N ALA B 98 11.31 -12.02 -17.56
CA ALA B 98 12.60 -11.46 -17.90
C ALA B 98 12.70 -10.01 -17.41
N ALA B 99 13.94 -9.54 -17.24
CA ALA B 99 14.16 -8.21 -16.68
C ALA B 99 13.86 -7.11 -17.68
N GLU B 100 13.98 -7.39 -18.97
CA GLU B 100 13.77 -6.36 -19.98
C GLU B 100 12.29 -5.96 -20.04
N PRO B 101 12.00 -4.70 -20.36
CA PRO B 101 10.61 -4.24 -20.43
C PRO B 101 9.79 -5.11 -21.36
N PRO B 102 8.63 -5.61 -20.91
CA PRO B 102 7.79 -6.41 -21.80
C PRO B 102 7.44 -5.66 -23.08
N ARG B 103 6.97 -6.41 -24.07
CA ARG B 103 6.69 -5.82 -25.37
C ARG B 103 5.50 -4.87 -25.32
N PHE B 104 4.52 -5.14 -24.46
CA PHE B 104 3.33 -4.30 -24.34
C PHE B 104 3.02 -4.04 -22.88
N ARG B 105 2.57 -2.81 -22.59
CA ARG B 105 2.22 -2.38 -21.25
C ARG B 105 0.75 -1.96 -21.23
N VAL B 106 0.08 -2.26 -20.13
CA VAL B 106 -1.35 -2.02 -19.98
C VAL B 106 -1.58 -0.77 -19.15
N LEU B 107 -2.55 0.04 -19.57
CA LEU B 107 -3.01 1.19 -18.79
C LEU B 107 -4.52 1.32 -18.97
N GLY B 108 -5.23 1.50 -17.86
CA GLY B 108 -6.67 1.66 -17.91
C GLY B 108 -7.17 2.15 -16.56
N ASP B 109 -8.50 2.24 -16.46
CA ASP B 109 -9.13 2.62 -15.21
C ASP B 109 -10.44 1.86 -15.08
N LEU B 110 -10.95 1.81 -13.85
CA LEU B 110 -12.16 1.08 -13.52
C LEU B 110 -13.34 2.00 -13.22
N LEU B 111 -13.30 3.24 -13.70
CA LEU B 111 -14.43 4.14 -13.52
C LEU B 111 -15.59 3.68 -14.39
N GLY B 112 -16.71 3.34 -13.77
CA GLY B 112 -17.85 2.82 -14.49
C GLY B 112 -17.67 1.42 -15.02
N ALA B 113 -16.66 0.69 -14.56
CA ALA B 113 -16.40 -0.66 -15.03
C ALA B 113 -17.12 -1.68 -14.14
N SER B 114 -17.12 -2.92 -14.61
CA SER B 114 -17.75 -4.02 -13.89
C SER B 114 -17.49 -5.33 -14.63
N SER B 115 -18.07 -6.43 -14.14
CA SER B 115 -17.95 -7.69 -14.87
C SER B 115 -18.55 -7.60 -16.27
N ALA B 116 -19.34 -6.57 -16.55
CA ALA B 116 -19.97 -6.39 -17.86
C ALA B 116 -19.09 -5.65 -18.85
N SER B 117 -18.27 -4.72 -18.38
CA SER B 117 -17.42 -3.94 -19.29
C SER B 117 -16.16 -3.50 -18.56
N ILE B 118 -15.01 -3.88 -19.09
CA ILE B 118 -13.70 -3.41 -18.63
C ILE B 118 -12.89 -3.01 -19.84
N ARG B 119 -12.22 -1.86 -19.77
CA ARG B 119 -11.47 -1.32 -20.90
C ARG B 119 -10.07 -0.92 -20.46
N TRP B 120 -9.11 -1.11 -21.37
CA TRP B 120 -7.74 -0.66 -21.15
C TRP B 120 -7.05 -0.51 -22.49
N ARG B 121 -5.98 0.28 -22.51
CA ARG B 121 -5.18 0.51 -23.70
C ARG B 121 -3.85 -0.22 -23.59
N LEU B 122 -3.24 -0.48 -24.75
CA LEU B 122 -1.95 -1.12 -24.85
C LEU B 122 -0.91 -0.12 -25.37
N VAL B 123 0.26 -0.12 -24.76
CA VAL B 123 1.37 0.73 -25.16
C VAL B 123 2.46 -0.14 -25.75
N ASP B 124 2.87 0.16 -26.98
CA ASP B 124 3.95 -0.56 -27.64
C ASP B 124 5.27 -0.05 -27.07
N GLN B 125 5.83 -0.79 -26.11
CA GLN B 125 7.05 -0.36 -25.45
C GLN B 125 8.24 -0.32 -26.40
N ALA B 126 8.17 -1.03 -27.53
CA ALA B 126 9.25 -1.03 -28.51
C ALA B 126 9.16 0.13 -29.49
N SER B 127 7.95 0.64 -29.73
CA SER B 127 7.77 1.71 -30.70
C SER B 127 8.49 2.99 -30.30
N GLY B 128 8.92 3.11 -29.04
CA GLY B 128 9.51 4.35 -28.57
C GLY B 128 8.52 5.45 -28.27
N SER B 129 7.25 5.10 -28.04
CA SER B 129 6.22 6.08 -27.75
C SER B 129 5.26 5.52 -26.71
N VAL B 130 4.90 6.37 -25.73
CA VAL B 130 3.91 5.98 -24.73
C VAL B 130 2.49 6.10 -25.24
N ALA B 131 2.31 6.52 -26.50
CA ALA B 131 0.96 6.64 -27.05
C ALA B 131 0.36 5.26 -27.24
N PRO B 132 -0.92 5.07 -26.93
CA PRO B 132 -1.52 3.75 -27.09
C PRO B 132 -1.58 3.36 -28.56
N THR B 133 -1.37 2.07 -28.82
CA THR B 133 -1.50 1.54 -30.18
C THR B 133 -2.78 0.75 -30.37
N HIS B 134 -3.36 0.20 -29.30
CA HIS B 134 -4.59 -0.57 -29.39
C HIS B 134 -5.54 -0.14 -28.27
N ASP B 135 -6.81 -0.51 -28.44
CA ASP B 135 -7.85 -0.22 -27.45
C ASP B 135 -8.62 -1.51 -27.19
N CYS B 136 -8.70 -1.90 -25.93
CA CYS B 136 -9.24 -3.20 -25.53
C CYS B 136 -10.48 -3.03 -24.66
N SER B 137 -11.44 -3.93 -24.83
CA SER B 137 -12.59 -4.07 -23.94
C SER B 137 -12.77 -5.55 -23.64
N ALA B 138 -13.44 -5.85 -22.52
CA ALA B 138 -13.61 -7.23 -22.10
C ALA B 138 -14.77 -7.34 -21.14
N VAL B 139 -15.24 -8.58 -20.96
CA VAL B 139 -16.28 -8.92 -19.98
C VAL B 139 -15.74 -10.05 -19.10
N PHE B 140 -15.97 -9.93 -17.80
CA PHE B 140 -15.52 -10.94 -16.85
C PHE B 140 -16.61 -12.00 -16.65
N ASP B 141 -16.20 -13.26 -16.62
CA ASP B 141 -17.10 -14.39 -16.44
C ASP B 141 -16.52 -15.34 -15.41
N GLU B 142 -17.35 -16.28 -14.98
CA GLU B 142 -16.95 -17.32 -14.04
C GLU B 142 -17.39 -18.66 -14.59
N VAL B 143 -16.49 -19.65 -14.55
CA VAL B 143 -16.77 -20.99 -15.04
C VAL B 143 -16.46 -21.97 -13.92
N TRP B 144 -17.44 -22.78 -13.55
CA TRP B 144 -17.32 -23.78 -12.49
C TRP B 144 -17.38 -25.18 -13.09
N ALA B 145 -16.72 -25.37 -14.23
CA ALA B 145 -16.76 -26.65 -14.94
C ALA B 145 -15.37 -27.24 -15.08
N GLY B 151 -9.30 -23.18 -13.93
CA GLY B 151 -9.47 -21.76 -14.10
C GLY B 151 -10.06 -21.08 -12.88
N ASP B 152 -9.70 -19.80 -12.69
CA ASP B 152 -10.26 -18.98 -11.63
C ASP B 152 -11.00 -17.76 -12.15
N GLY B 153 -11.12 -17.61 -13.46
CA GLY B 153 -11.76 -16.44 -14.05
C GLY B 153 -11.61 -16.44 -15.55
N THR B 154 -12.44 -15.66 -16.24
CA THR B 154 -12.42 -15.60 -17.70
C THR B 154 -12.63 -14.17 -18.15
N LEU B 155 -11.76 -13.71 -19.05
CA LEU B 155 -11.90 -12.41 -19.69
C LEU B 155 -11.91 -12.61 -21.19
N SER B 156 -12.91 -12.02 -21.85
CA SER B 156 -13.06 -12.13 -23.29
C SER B 156 -13.57 -10.80 -23.83
N GLY B 157 -13.04 -10.39 -24.99
CA GLY B 157 -13.43 -9.14 -25.59
C GLY B 157 -12.88 -8.90 -26.97
N ARG B 158 -12.66 -7.63 -27.31
CA ARG B 158 -12.16 -7.25 -28.63
C ARG B 158 -11.01 -6.27 -28.48
N ILE B 159 -10.17 -6.21 -29.51
CA ILE B 159 -9.05 -5.28 -29.57
C ILE B 159 -9.15 -4.51 -30.87
N GLN B 160 -8.77 -3.23 -30.85
CA GLN B 160 -8.88 -2.35 -32.00
C GLN B 160 -7.57 -1.63 -32.24
N ARG B 161 -7.04 -1.74 -33.46
CA ARG B 161 -5.87 -0.97 -33.84
C ARG B 161 -6.27 0.50 -33.96
N LEU B 162 -5.59 1.37 -33.20
CA LEU B 162 -5.93 2.78 -33.20
C LEU B 162 -5.51 3.49 -34.47
N GLU B 163 -4.55 2.94 -35.21
CA GLU B 163 -4.19 3.51 -36.51
C GLU B 163 -5.28 3.26 -37.54
N ARG B 164 -5.95 2.11 -37.46
CA ARG B 164 -7.02 1.79 -38.39
C ARG B 164 -8.23 2.68 -38.13
N SER B 165 -8.97 3.00 -39.23
CA SER B 165 -10.13 3.86 -39.12
C SER B 165 -11.38 3.06 -38.75
N PRO B 166 -12.30 3.66 -37.98
CA PRO B 166 -13.53 2.93 -37.63
C PRO B 166 -14.50 2.81 -38.77
N LEU B 167 -14.38 3.63 -39.81
CA LEU B 167 -15.27 3.53 -40.97
C LEU B 167 -14.87 2.40 -41.92
N SER B 168 -13.76 1.73 -41.65
CA SER B 168 -13.34 0.59 -42.46
C SER B 168 -14.13 -0.65 -42.05
N PRO B 169 -14.09 -1.71 -42.87
CA PRO B 169 -14.79 -2.94 -42.49
C PRO B 169 -14.36 -3.41 -41.09
N ASN B 170 -15.27 -4.10 -40.42
CA ASN B 170 -15.02 -4.56 -39.06
C ASN B 170 -13.80 -5.48 -39.04
N GLU B 171 -12.95 -5.28 -38.04
CA GLU B 171 -11.72 -6.06 -37.89
C GLU B 171 -11.98 -7.23 -36.94
N ASP B 172 -11.60 -8.43 -37.38
CA ASP B 172 -11.81 -9.65 -36.60
C ASP B 172 -10.63 -9.79 -35.64
N PHE B 173 -10.68 -9.01 -34.56
CA PHE B 173 -9.63 -8.98 -33.56
C PHE B 173 -10.26 -9.16 -32.18
N ARG B 174 -10.08 -10.34 -31.59
CA ARG B 174 -10.62 -10.63 -30.27
C ARG B 174 -9.63 -11.50 -29.51
N PHE B 175 -9.81 -11.56 -28.19
CA PHE B 175 -8.93 -12.32 -27.31
C PHE B 175 -9.76 -13.05 -26.25
N VAL B 176 -9.15 -14.06 -25.65
CA VAL B 176 -9.74 -14.78 -24.54
C VAL B 176 -8.65 -15.07 -23.52
N ALA B 177 -8.90 -14.71 -22.27
CA ALA B 177 -7.96 -14.92 -21.18
C ALA B 177 -8.59 -15.80 -20.11
N VAL B 178 -7.76 -16.57 -19.43
CA VAL B 178 -8.21 -17.49 -18.39
C VAL B 178 -7.27 -17.33 -17.19
N LYS B 179 -7.80 -16.80 -16.09
CA LYS B 179 -7.00 -16.59 -14.90
C LYS B 179 -6.40 -17.91 -14.41
N ARG B 180 -5.09 -17.90 -14.16
CA ARG B 180 -4.40 -19.13 -13.80
C ARG B 180 -4.73 -19.55 -12.38
N HIS B 181 -4.89 -20.86 -12.19
CA HIS B 181 -5.20 -21.41 -10.88
C HIS B 181 -4.15 -21.00 -9.86
N PHE B 182 -4.61 -20.51 -8.70
CA PHE B 182 -3.72 -20.17 -7.60
C PHE B 182 -3.33 -21.46 -6.89
N PRO B 183 -2.08 -21.90 -6.96
CA PRO B 183 -1.73 -23.21 -6.39
C PRO B 183 -2.05 -23.27 -4.90
N LEU B 184 -2.56 -24.42 -4.48
CA LEU B 184 -2.85 -24.64 -3.07
C LEU B 184 -1.57 -24.96 -2.33
N ALA B 185 -1.61 -24.80 -1.01
CA ALA B 185 -0.44 -25.07 -0.18
C ALA B 185 0.06 -26.50 -0.41
N HIS B 186 -0.84 -27.48 -0.29
CA HIS B 186 -0.43 -28.88 -0.42
C HIS B 186 0.03 -29.22 -1.83
N GLU B 187 -0.17 -28.34 -2.81
CA GLU B 187 0.37 -28.54 -4.14
C GLU B 187 1.81 -28.09 -4.27
N ARG B 188 2.38 -27.51 -3.21
CA ARG B 188 3.75 -27.01 -3.23
C ARG B 188 4.57 -27.40 -2.01
N ILE B 189 3.94 -27.71 -0.87
CA ILE B 189 4.62 -28.26 0.29
C ILE B 189 4.05 -29.66 0.48
N VAL B 190 4.88 -30.68 0.27
CA VAL B 190 4.43 -32.06 0.29
C VAL B 190 4.78 -32.69 1.63
N LEU B 191 3.77 -33.29 2.27
CA LEU B 191 3.97 -34.04 3.50
C LEU B 191 4.13 -35.52 3.16
N ASN B 192 5.19 -36.13 3.67
CA ASN B 192 5.47 -37.52 3.34
C ASN B 192 4.31 -38.42 3.78
N GLU B 193 4.39 -39.69 3.34
CA GLU B 193 3.30 -40.61 3.58
C GLU B 193 3.11 -40.88 5.08
N LYS B 194 4.21 -41.00 5.81
CA LYS B 194 4.12 -41.28 7.24
C LYS B 194 3.38 -40.17 7.97
N LEU B 195 3.83 -38.92 7.81
CA LEU B 195 3.21 -37.79 8.48
C LEU B 195 1.78 -37.57 8.00
N LEU B 196 1.59 -37.43 6.70
CA LEU B 196 0.26 -37.17 6.15
C LEU B 196 -0.73 -38.24 6.62
N GLY B 197 -0.31 -39.50 6.63
CA GLY B 197 -1.19 -40.56 7.11
C GLY B 197 -1.59 -40.39 8.56
N TRP B 198 -0.69 -39.83 9.38
CA TRP B 198 -1.01 -39.63 10.80
C TRP B 198 -1.99 -38.48 10.99
N LEU B 199 -1.95 -37.46 10.13
CA LEU B 199 -2.80 -36.29 10.30
C LEU B 199 -4.24 -36.59 9.89
N VAL B 200 -4.43 -37.15 8.69
CA VAL B 200 -5.78 -37.37 8.15
C VAL B 200 -6.50 -38.53 8.80
N SER B 201 -5.90 -39.16 9.82
CA SER B 201 -6.53 -40.31 10.44
C SER B 201 -7.76 -39.86 11.24
N PRO B 202 -8.87 -40.60 11.18
CA PRO B 202 -10.05 -40.20 11.96
C PRO B 202 -9.76 -40.06 13.44
N GLN B 203 -8.81 -40.84 13.98
CA GLN B 203 -8.46 -40.73 15.38
C GLN B 203 -7.77 -39.41 15.70
N HIS B 204 -7.22 -38.74 14.70
CA HIS B 204 -6.52 -37.47 14.90
C HIS B 204 -7.36 -36.26 14.50
N ARG B 205 -8.11 -36.35 13.41
CA ARG B 205 -8.98 -35.25 13.01
C ARG B 205 -9.98 -34.93 14.12
N LEU B 206 -10.61 -35.95 14.68
CA LEU B 206 -11.60 -35.73 15.73
C LEU B 206 -10.95 -35.21 17.01
N PHE B 207 -9.78 -35.74 17.36
CA PHE B 207 -9.07 -35.26 18.53
C PHE B 207 -8.86 -33.76 18.47
N HIS B 208 -8.30 -33.27 17.36
CA HIS B 208 -7.99 -31.86 17.23
C HIS B 208 -9.25 -31.01 17.31
N GLN B 209 -10.30 -31.42 16.59
CA GLN B 209 -11.56 -30.68 16.64
C GLN B 209 -12.13 -30.65 18.05
N LEU B 210 -12.18 -31.81 18.70
CA LEU B 210 -12.80 -31.89 20.02
C LEU B 210 -11.97 -31.18 21.08
N TRP B 211 -10.64 -31.29 20.99
CA TRP B 211 -9.78 -30.59 21.94
C TRP B 211 -10.07 -29.09 21.92
N HIS B 212 -10.24 -28.50 20.73
CA HIS B 212 -10.60 -27.09 20.63
C HIS B 212 -12.07 -26.87 20.98
N ALA B 213 -12.94 -27.75 20.48
CA ALA B 213 -14.38 -27.54 20.65
C ALA B 213 -14.76 -27.38 22.12
N SER B 214 -14.35 -28.32 22.96
CA SER B 214 -14.75 -28.30 24.36
C SER B 214 -14.35 -26.98 25.03
N ARG B 215 -13.04 -26.70 25.07
CA ARG B 215 -12.59 -25.50 25.75
C ARG B 215 -13.09 -24.23 25.06
N ASP B 216 -13.26 -24.26 23.74
CA ASP B 216 -13.76 -23.07 23.03
C ASP B 216 -15.21 -22.78 23.40
N LYS B 217 -16.00 -23.82 23.66
CA LYS B 217 -17.43 -23.67 23.87
C LYS B 217 -17.86 -23.98 25.29
N TRP B 218 -16.92 -24.34 26.18
CA TRP B 218 -17.28 -24.78 27.52
C TRP B 218 -18.08 -23.72 28.26
N HIS B 219 -17.71 -22.45 28.10
CA HIS B 219 -18.35 -21.39 28.86
C HIS B 219 -19.80 -21.13 28.44
N ARG B 220 -20.30 -21.80 27.40
CA ARG B 220 -21.67 -21.62 26.94
C ARG B 220 -22.49 -22.90 27.08
N LEU B 221 -21.95 -23.95 27.67
CA LEU B 221 -22.65 -25.24 27.79
C LEU B 221 -23.45 -25.29 29.08
N SER B 222 -24.65 -25.86 28.99
CA SER B 222 -25.46 -26.12 30.18
C SER B 222 -24.82 -27.21 31.03
N GLU B 223 -25.27 -27.30 32.29
CA GLU B 223 -24.73 -28.29 33.20
C GLU B 223 -24.93 -29.70 32.66
N LYS B 224 -26.07 -29.96 32.03
CA LYS B 224 -26.32 -31.27 31.44
C LYS B 224 -25.22 -31.62 30.44
N GLN B 225 -24.88 -30.68 29.57
CA GLN B 225 -23.81 -30.92 28.60
C GLN B 225 -22.46 -31.09 29.27
N ARG B 226 -22.15 -30.22 30.24
CA ARG B 226 -20.87 -30.31 30.94
C ARG B 226 -20.68 -31.67 31.57
N ASN B 227 -21.66 -32.14 32.33
CA ASN B 227 -21.57 -33.45 32.97
C ASN B 227 -21.34 -34.54 31.94
N ALA B 228 -21.96 -34.41 30.76
CA ALA B 228 -21.81 -35.43 29.72
C ALA B 228 -20.36 -35.49 29.25
N LEU B 229 -19.76 -34.34 28.93
CA LEU B 229 -18.35 -34.31 28.56
C LEU B 229 -17.49 -34.92 29.66
N ARG B 230 -17.83 -34.62 30.93
CA ARG B 230 -17.15 -35.27 32.04
C ARG B 230 -17.39 -36.78 32.04
N GLY B 231 -18.57 -37.21 31.59
CA GLY B 231 -18.87 -38.63 31.55
C GLY B 231 -18.03 -39.41 30.56
N VAL B 232 -17.51 -38.75 29.52
CA VAL B 232 -16.62 -39.37 28.55
C VAL B 232 -15.17 -38.97 28.74
N GLY B 233 -14.88 -38.14 29.75
CA GLY B 233 -13.51 -37.74 30.01
C GLY B 233 -12.98 -36.68 29.07
N TRP B 234 -13.86 -35.83 28.54
CA TRP B 234 -13.47 -34.78 27.60
C TRP B 234 -13.74 -33.39 28.17
N GLN B 235 -13.73 -33.25 29.49
CA GLN B 235 -13.80 -31.94 30.10
C GLN B 235 -12.48 -31.22 29.90
N PRO B 236 -12.51 -29.91 29.58
CA PRO B 236 -11.24 -29.20 29.34
C PRO B 236 -10.44 -28.99 30.61
N GLY B 237 -9.47 -29.85 30.87
CA GLY B 237 -8.63 -29.72 32.03
C GLY B 237 -9.06 -30.63 33.17
N PRO B 238 -8.56 -30.36 34.38
CA PRO B 238 -8.90 -31.22 35.52
C PRO B 238 -10.39 -31.24 35.80
N LEU B 239 -10.87 -32.37 36.29
CA LEU B 239 -12.29 -32.55 36.58
C LEU B 239 -12.72 -31.60 37.71
N ASP B 240 -13.85 -30.92 37.50
CA ASP B 240 -14.44 -29.98 38.44
C ASP B 240 -13.66 -28.68 38.57
N ARG B 241 -12.52 -28.55 37.88
CA ARG B 241 -11.75 -27.32 37.84
C ARG B 241 -11.39 -26.99 36.39
N GLU B 242 -12.41 -27.02 35.53
CA GLU B 242 -12.19 -26.91 34.10
C GLU B 242 -11.68 -25.52 33.74
N ARG B 243 -10.85 -25.47 32.69
CA ARG B 243 -10.23 -24.24 32.20
C ARG B 243 -10.92 -23.83 30.90
N ASP B 244 -11.95 -23.00 31.03
CA ASP B 244 -12.59 -22.45 29.84
C ASP B 244 -11.60 -21.58 29.07
N ALA B 245 -11.67 -21.65 27.75
CA ALA B 245 -10.72 -20.94 26.89
C ALA B 245 -11.22 -19.56 26.47
N ARG B 246 -12.53 -19.38 26.36
CA ARG B 246 -13.09 -18.13 25.85
C ARG B 246 -14.11 -17.54 26.83
N GLY B 247 -13.91 -17.77 28.12
CA GLY B 247 -14.77 -17.20 29.13
C GLY B 247 -14.17 -15.96 29.75
N PRO B 248 -14.88 -15.36 30.72
CA PRO B 248 -14.37 -14.12 31.33
C PRO B 248 -12.99 -14.28 31.96
N ARG B 249 -12.77 -15.36 32.73
CA ARG B 249 -11.48 -15.61 33.36
C ARG B 249 -10.52 -16.36 32.45
N LYS B 250 -10.67 -16.21 31.12
CA LYS B 250 -9.82 -16.93 30.18
C LYS B 250 -8.34 -16.58 30.35
N ASP B 251 -8.05 -15.32 30.70
CA ASP B 251 -6.66 -14.89 30.81
C ASP B 251 -6.00 -15.35 32.11
N ARG B 252 -6.79 -15.59 33.15
CA ARG B 252 -6.24 -15.91 34.47
C ARG B 252 -6.38 -17.38 34.86
N ASN B 253 -7.08 -18.20 34.09
CA ASN B 253 -7.34 -19.59 34.47
C ASN B 253 -6.33 -20.56 33.89
N ALA B 254 -5.17 -20.08 33.46
CA ALA B 254 -4.08 -20.91 32.94
C ALA B 254 -4.45 -21.64 31.66
N SER B 255 -5.62 -21.35 31.08
CA SER B 255 -6.01 -22.02 29.84
C SER B 255 -4.96 -21.85 28.76
N GLY B 256 -4.27 -20.71 28.72
CA GLY B 256 -3.24 -20.50 27.73
C GLY B 256 -2.16 -21.56 27.77
N ILE B 257 -1.85 -22.07 28.96
CA ILE B 257 -0.84 -23.12 29.07
C ILE B 257 -1.27 -24.36 28.31
N ASP B 258 -2.57 -24.67 28.33
CA ASP B 258 -3.08 -25.80 27.56
C ASP B 258 -2.83 -25.60 26.06
N PHE B 259 -3.08 -24.37 25.58
CA PHE B 259 -2.93 -24.09 24.16
C PHE B 259 -1.48 -24.26 23.71
N PHE B 260 -0.54 -23.66 24.44
CA PHE B 260 0.86 -23.76 24.06
C PHE B 260 1.35 -25.21 24.12
N PHE B 261 1.04 -25.91 25.21
CA PHE B 261 1.64 -27.23 25.42
C PHE B 261 1.12 -28.25 24.41
N MET B 262 -0.20 -28.30 24.22
CA MET B 262 -0.77 -29.30 23.32
C MET B 262 -0.18 -29.17 21.93
N HIS B 263 -0.15 -27.95 21.39
CA HIS B 263 0.35 -27.75 20.04
C HIS B 263 1.86 -27.94 19.94
N ARG B 264 2.58 -27.77 21.06
CA ARG B 264 3.98 -28.20 21.10
C ARG B 264 4.07 -29.72 21.14
N HIS B 265 3.19 -30.37 21.91
CA HIS B 265 3.12 -31.83 21.88
C HIS B 265 2.83 -32.33 20.47
N MET B 266 1.95 -31.62 19.75
CA MET B 266 1.66 -31.98 18.37
C MET B 266 2.87 -31.77 17.47
N LEU B 267 3.64 -30.71 17.72
CA LEU B 267 4.86 -30.47 16.94
C LEU B 267 5.86 -31.59 17.16
N HIS B 268 6.11 -31.95 18.42
CA HIS B 268 7.16 -32.90 18.73
C HIS B 268 6.94 -34.23 18.00
N THR B 269 5.73 -34.78 18.09
CA THR B 269 5.45 -36.05 17.42
C THR B 269 5.45 -35.89 15.91
N ALA B 270 5.03 -34.72 15.41
CA ALA B 270 5.00 -34.52 13.96
C ALA B 270 6.40 -34.34 13.41
N ARG B 271 7.27 -33.62 14.12
CA ARG B 271 8.63 -33.39 13.67
C ARG B 271 9.50 -34.64 13.73
N SER B 272 9.04 -35.69 14.43
CA SER B 272 9.78 -36.96 14.42
C SER B 272 9.60 -37.71 13.12
N MET B 273 8.53 -37.44 12.37
CA MET B 273 8.27 -38.10 11.10
C MET B 273 8.72 -37.29 9.89
N GLN B 274 8.95 -35.99 10.05
CA GLN B 274 9.40 -35.15 8.95
C GLN B 274 10.06 -33.90 9.51
N ASP B 275 10.99 -33.35 8.73
CA ASP B 275 11.64 -32.09 9.08
C ASP B 275 10.69 -30.95 8.71
N LEU B 276 10.19 -30.23 9.73
CA LEU B 276 9.23 -29.15 9.54
C LEU B 276 9.78 -27.87 10.15
N PRO B 277 10.68 -27.18 9.44
CA PRO B 277 11.24 -25.94 10.00
C PRO B 277 10.15 -24.89 10.22
N SER B 278 10.26 -24.20 11.35
CA SER B 278 9.31 -23.15 11.69
C SER B 278 9.68 -21.84 11.00
N TRP B 279 8.67 -21.01 10.78
CA TRP B 279 8.89 -19.70 10.20
C TRP B 279 9.86 -18.89 11.05
N GLU B 280 10.84 -18.26 10.40
CA GLU B 280 11.69 -17.28 11.05
C GLU B 280 11.06 -15.89 11.02
N ARG B 281 10.40 -15.55 9.91
CA ARG B 281 9.66 -14.31 9.79
C ARG B 281 8.34 -14.60 9.10
N LEU B 282 7.40 -13.70 9.30
CA LEU B 282 6.10 -13.83 8.63
C LEU B 282 6.25 -13.41 7.17
N PRO B 283 5.75 -14.19 6.22
CA PRO B 283 5.89 -13.79 4.81
C PRO B 283 5.30 -12.41 4.57
N ARG B 284 6.07 -11.57 3.88
CA ARG B 284 5.60 -10.24 3.57
C ARG B 284 4.50 -10.30 2.51
N PRO B 285 3.63 -9.29 2.46
CA PRO B 285 2.60 -9.25 1.42
C PRO B 285 3.22 -9.23 0.02
N VAL B 286 2.37 -9.51 -0.97
CA VAL B 286 2.83 -9.53 -2.35
C VAL B 286 3.39 -8.17 -2.73
N VAL B 287 4.51 -8.19 -3.44
CA VAL B 287 5.10 -6.94 -3.93
C VAL B 287 4.23 -6.36 -5.02
N PRO B 288 3.96 -5.04 -5.01
CA PRO B 288 3.16 -4.46 -6.10
C PRO B 288 3.79 -4.72 -7.46
N LEU B 289 2.92 -4.79 -8.48
CA LEU B 289 3.40 -5.02 -9.84
C LEU B 289 4.27 -3.88 -10.35
N GLU B 290 4.19 -2.69 -9.74
CA GLU B 290 4.95 -1.56 -10.25
C GLU B 290 6.43 -1.66 -9.92
N TYR B 291 6.78 -2.33 -8.82
CA TYR B 291 8.15 -2.33 -8.32
C TYR B 291 8.91 -3.62 -8.57
N ASP B 292 8.23 -4.75 -8.73
CA ASP B 292 8.91 -6.02 -8.97
C ASP B 292 7.98 -6.88 -9.83
N ARG B 293 8.06 -6.70 -11.14
CA ARG B 293 7.21 -7.47 -12.04
C ARG B 293 7.47 -8.96 -11.94
N PRO B 294 8.71 -9.45 -11.98
CA PRO B 294 8.92 -10.90 -11.82
C PRO B 294 8.50 -11.42 -10.45
N GLY B 295 8.75 -10.64 -9.40
CA GLY B 295 8.33 -11.07 -8.07
C GLY B 295 6.83 -11.17 -7.95
N PHE B 296 6.11 -10.17 -8.47
CA PHE B 296 4.65 -10.21 -8.48
C PHE B 296 4.15 -11.49 -9.13
N ILE B 297 4.72 -11.84 -10.28
CA ILE B 297 4.30 -13.05 -10.99
C ILE B 297 4.60 -14.29 -10.15
N ARG B 298 5.80 -14.35 -9.58
CA ARG B 298 6.19 -15.52 -8.79
C ARG B 298 5.25 -15.73 -7.61
N TYR B 299 4.81 -14.64 -6.98
CA TYR B 299 3.93 -14.76 -5.82
C TYR B 299 2.66 -15.54 -6.17
N PHE B 300 2.13 -15.33 -7.37
CA PHE B 300 0.89 -15.99 -7.78
C PHE B 300 1.11 -17.44 -8.21
N ASP B 301 2.35 -17.91 -8.28
CA ASP B 301 2.62 -19.33 -8.40
C ASP B 301 2.76 -20.01 -7.05
N ASN B 302 2.72 -19.25 -5.95
CA ASN B 302 2.77 -19.80 -4.60
C ASN B 302 3.93 -20.78 -4.46
N PRO B 303 5.14 -20.40 -4.86
CA PRO B 303 6.25 -21.38 -4.91
C PRO B 303 6.56 -22.01 -3.57
N ASP B 304 6.72 -21.21 -2.52
CA ASP B 304 7.02 -21.73 -1.20
C ASP B 304 5.78 -22.12 -0.42
N GLY B 305 4.60 -22.04 -1.04
CA GLY B 305 3.36 -22.35 -0.37
C GLY B 305 2.92 -21.35 0.68
N PHE B 306 3.69 -20.30 0.93
CA PHE B 306 3.40 -19.33 1.97
C PHE B 306 2.69 -18.09 1.43
N SER B 307 2.29 -18.08 0.17
CA SER B 307 1.58 -16.94 -0.39
C SER B 307 0.15 -16.89 0.13
N VAL B 308 -0.33 -15.69 0.42
CA VAL B 308 -1.68 -15.50 0.96
C VAL B 308 -2.70 -15.88 -0.12
N PRO B 309 -3.54 -16.88 0.10
CA PRO B 309 -4.58 -17.19 -0.88
C PRO B 309 -5.56 -16.03 -0.99
N PRO B 310 -6.00 -15.68 -2.20
CA PRO B 310 -6.96 -14.59 -2.35
C PRO B 310 -8.24 -14.85 -1.57
N ALA B 311 -8.84 -13.78 -1.07
CA ALA B 311 -10.07 -13.87 -0.31
C ALA B 311 -11.22 -14.31 -1.22
N TRP B 312 -12.27 -14.84 -0.60
CA TRP B 312 -13.47 -15.27 -1.30
C TRP B 312 -14.68 -14.56 -0.71
N VAL B 313 -15.65 -14.26 -1.58
CA VAL B 313 -16.86 -13.55 -1.18
C VAL B 313 -17.86 -14.56 -0.65
N ALA B 314 -18.17 -14.49 0.64
CA ALA B 314 -19.18 -15.35 1.23
C ALA B 314 -20.57 -14.90 0.78
N VAL B 315 -21.44 -15.88 0.52
CA VAL B 315 -22.78 -15.60 0.01
C VAL B 315 -23.68 -15.18 1.16
N ASP B 316 -24.42 -14.09 0.97
CA ASP B 316 -25.40 -13.62 1.96
C ASP B 316 -24.75 -13.39 3.33
N ASP B 317 -23.49 -12.97 3.35
CA ASP B 317 -22.78 -12.69 4.59
C ASP B 317 -21.71 -11.64 4.30
N ASP B 318 -22.15 -10.41 4.05
CA ASP B 318 -21.21 -9.34 3.69
C ASP B 318 -20.29 -8.99 4.87
N GLU B 319 -20.78 -9.09 6.10
CA GLU B 319 -19.95 -8.75 7.24
C GLU B 319 -18.73 -9.67 7.34
N TYR B 320 -18.93 -10.96 7.07
CA TYR B 320 -17.82 -11.91 7.13
C TYR B 320 -16.87 -11.72 5.95
N SER B 321 -17.43 -11.42 4.77
CA SER B 321 -16.60 -11.23 3.58
C SER B 321 -15.69 -10.02 3.75
N GLU B 322 -16.23 -8.90 4.22
CA GLU B 322 -15.40 -7.73 4.50
C GLU B 322 -14.37 -8.04 5.56
N TRP B 323 -14.74 -8.84 6.57
CA TRP B 323 -13.79 -9.21 7.62
C TRP B 323 -12.66 -10.05 7.06
N LEU B 324 -12.99 -11.09 6.29
CA LEU B 324 -11.96 -11.95 5.71
C LEU B 324 -11.05 -11.16 4.78
N HIS B 325 -11.63 -10.27 3.97
CA HIS B 325 -10.86 -9.52 3.00
C HIS B 325 -9.77 -8.69 3.68
N GLY B 326 -10.16 -7.90 4.69
CA GLY B 326 -9.19 -7.09 5.40
C GLY B 326 -8.17 -7.93 6.16
N LEU B 327 -8.61 -9.05 6.74
CA LEU B 327 -7.69 -9.95 7.42
C LEU B 327 -6.56 -10.40 6.49
N LYS B 328 -6.81 -10.44 5.19
CA LYS B 328 -5.82 -10.83 4.20
C LYS B 328 -5.15 -9.65 3.52
N SER B 329 -5.64 -8.43 3.73
CA SER B 329 -5.11 -7.26 3.04
C SER B 329 -3.67 -7.01 3.48
N ALA B 330 -3.04 -6.01 2.86
CA ALA B 330 -1.68 -5.64 3.23
C ALA B 330 -1.66 -4.70 4.42
N GLU B 331 -2.65 -3.80 4.54
CA GLU B 331 -2.68 -2.89 5.67
C GLU B 331 -2.98 -3.61 6.98
N ALA B 332 -3.57 -4.81 6.91
CA ALA B 332 -3.72 -5.62 8.12
C ALA B 332 -2.39 -6.24 8.53
N TYR B 333 -1.51 -6.50 7.57
CA TYR B 333 -0.17 -7.00 7.90
C TYR B 333 0.63 -5.94 8.65
N HIS B 334 0.53 -4.68 8.22
CA HIS B 334 1.28 -3.60 8.85
C HIS B 334 0.61 -3.10 10.13
N ALA B 335 -0.70 -3.30 10.27
CA ALA B 335 -1.42 -2.83 11.44
C ALA B 335 -1.48 -3.85 12.56
N ASN B 336 -1.51 -5.14 12.22
CA ASN B 336 -1.71 -6.20 13.21
C ASN B 336 -0.57 -7.21 13.20
N PHE B 337 -0.40 -7.96 12.11
CA PHE B 337 0.54 -9.08 12.12
C PHE B 337 1.96 -8.63 12.42
N LEU B 338 2.35 -7.46 11.89
CA LEU B 338 3.69 -6.96 12.17
C LEU B 338 3.82 -6.49 13.61
N VAL B 339 2.71 -6.06 14.23
CA VAL B 339 2.75 -5.68 15.63
C VAL B 339 2.89 -6.92 16.51
N TRP B 340 2.17 -7.99 16.18
CA TRP B 340 2.30 -9.23 16.94
C TRP B 340 3.69 -9.81 16.81
N GLU B 341 4.25 -9.82 15.59
CA GLU B 341 5.60 -10.30 15.40
C GLU B 341 6.60 -9.49 16.23
N SER B 342 6.28 -8.23 16.50
CA SER B 342 7.16 -7.39 17.32
C SER B 342 6.95 -7.64 18.80
N GLN B 343 5.68 -7.60 19.25
CA GLN B 343 5.38 -7.74 20.67
C GLN B 343 5.94 -9.04 21.23
N TYR B 344 5.59 -10.17 20.61
CA TYR B 344 5.95 -11.47 21.16
C TYR B 344 7.42 -11.83 20.94
N GLN B 345 8.24 -10.87 20.52
CA GLN B 345 9.68 -11.01 20.55
C GLN B 345 10.35 -9.88 21.33
N ASP B 346 9.56 -8.99 21.94
CA ASP B 346 10.09 -7.92 22.78
C ASP B 346 10.21 -8.43 24.22
N PRO B 347 11.40 -8.37 24.84
CA PRO B 347 11.50 -8.84 26.22
C PRO B 347 10.62 -8.07 27.20
N ALA B 348 10.62 -6.74 27.11
CA ALA B 348 9.81 -5.93 28.02
C ALA B 348 8.34 -6.28 27.93
N TYR B 349 7.86 -6.65 26.74
CA TYR B 349 6.45 -7.00 26.57
C TYR B 349 6.14 -8.38 27.14
N LEU B 350 7.05 -9.34 26.95
CA LEU B 350 6.80 -10.70 27.41
C LEU B 350 6.96 -10.81 28.92
N ALA B 351 7.85 -10.01 29.52
CA ALA B 351 8.12 -10.08 30.94
C ALA B 351 6.93 -9.70 31.81
N LYS B 352 5.88 -9.12 31.23
CA LYS B 352 4.71 -8.71 31.99
C LYS B 352 3.62 -9.78 32.04
N LEU B 353 3.79 -10.89 31.33
CA LEU B 353 2.75 -11.90 31.17
C LEU B 353 3.17 -13.22 31.78
N THR B 354 2.23 -13.88 32.45
CA THR B 354 2.41 -15.27 32.82
C THR B 354 2.12 -16.14 31.61
N LEU B 355 2.65 -17.36 31.62
CA LEU B 355 2.47 -18.24 30.48
C LEU B 355 1.00 -18.46 30.17
N GLY B 356 0.15 -18.50 31.20
CA GLY B 356 -1.28 -18.62 30.96
C GLY B 356 -1.84 -17.41 30.23
N GLN B 357 -1.34 -16.22 30.55
CA GLN B 357 -1.76 -15.01 29.86
C GLN B 357 -1.23 -14.99 28.43
N PHE B 358 0.07 -15.24 28.27
CA PHE B 358 0.67 -15.23 26.94
C PHE B 358 -0.03 -16.21 26.01
N GLY B 359 -0.41 -17.37 26.52
CA GLY B 359 -1.11 -18.34 25.69
C GLY B 359 -2.49 -17.87 25.29
N SER B 360 -3.28 -17.41 26.26
CA SER B 360 -4.64 -16.97 25.96
C SER B 360 -4.64 -15.75 25.05
N GLU B 361 -3.71 -14.81 25.27
CA GLU B 361 -3.66 -13.62 24.42
C GLU B 361 -3.33 -13.98 22.99
N LEU B 362 -2.31 -14.85 22.80
CA LEU B 362 -1.88 -15.20 21.45
C LEU B 362 -2.94 -16.01 20.72
N GLU B 363 -3.59 -16.96 21.42
CA GLU B 363 -4.55 -17.82 20.75
C GLU B 363 -5.76 -17.03 20.25
N LEU B 364 -6.30 -16.16 21.10
CA LEU B 364 -7.54 -15.46 20.75
C LEU B 364 -7.33 -14.43 19.65
N GLY B 365 -6.12 -13.88 19.52
CA GLY B 365 -5.87 -12.84 18.55
C GLY B 365 -5.11 -13.30 17.33
N MET B 366 -3.84 -13.65 17.52
CA MET B 366 -2.96 -13.96 16.40
C MET B 366 -3.27 -15.34 15.81
N HIS B 367 -3.33 -16.36 16.66
CA HIS B 367 -3.53 -17.73 16.19
C HIS B 367 -4.73 -17.82 15.25
N ASP B 368 -5.89 -17.33 15.69
CA ASP B 368 -7.08 -17.42 14.87
C ASP B 368 -6.93 -16.62 13.58
N TRP B 369 -6.21 -15.50 13.61
CA TRP B 369 -6.01 -14.72 12.40
C TRP B 369 -4.98 -15.36 11.46
N LEU B 370 -3.99 -16.04 12.01
CA LEU B 370 -3.03 -16.74 11.16
C LEU B 370 -3.72 -17.82 10.35
N HIS B 371 -4.67 -18.53 10.97
CA HIS B 371 -5.39 -19.58 10.24
C HIS B 371 -6.13 -18.99 9.04
N MET B 372 -6.94 -17.96 9.28
CA MET B 372 -7.78 -17.42 8.21
C MET B 372 -7.00 -16.61 7.19
N ARG B 373 -5.82 -16.06 7.56
CA ARG B 373 -5.04 -15.31 6.59
C ARG B 373 -4.50 -16.22 5.49
N TRP B 374 -3.94 -17.37 5.86
CA TRP B 374 -3.41 -18.32 4.90
C TRP B 374 -4.41 -19.42 4.54
N ALA B 375 -5.69 -19.20 4.84
CA ALA B 375 -6.71 -20.19 4.52
C ALA B 375 -7.15 -20.08 3.08
N SER B 376 -7.29 -21.22 2.43
CA SER B 376 -7.86 -21.30 1.09
C SER B 376 -9.36 -21.58 1.19
N VAL B 377 -10.05 -21.43 0.06
CA VAL B 377 -11.48 -21.64 0.06
C VAL B 377 -11.78 -23.10 0.40
N THR B 378 -12.89 -23.30 1.10
CA THR B 378 -13.33 -24.65 1.42
C THR B 378 -13.68 -25.39 0.14
N ARG B 379 -13.21 -26.64 0.03
CA ARG B 379 -13.37 -27.42 -1.18
C ARG B 379 -14.04 -28.74 -0.86
N ASP B 380 -14.67 -29.31 -1.88
CA ASP B 380 -15.31 -30.61 -1.74
C ASP B 380 -14.25 -31.71 -1.69
N PRO B 381 -14.34 -32.66 -0.76
CA PRO B 381 -13.34 -33.73 -0.73
C PRO B 381 -13.30 -34.55 -2.01
N SER B 382 -14.45 -34.72 -2.69
CA SER B 382 -14.47 -35.57 -3.87
C SER B 382 -13.66 -34.95 -5.00
N ASN B 383 -14.01 -33.73 -5.41
CA ASN B 383 -13.29 -33.01 -6.45
C ASN B 383 -12.80 -31.69 -5.88
N GLY B 384 -11.85 -31.06 -6.58
CA GLY B 384 -11.23 -29.83 -6.14
C GLY B 384 -12.06 -28.57 -6.27
N ALA B 385 -13.31 -28.64 -6.72
CA ALA B 385 -14.09 -27.43 -6.89
C ALA B 385 -14.47 -26.80 -5.55
N PRO B 386 -14.65 -25.48 -5.51
CA PRO B 386 -14.96 -24.81 -4.23
C PRO B 386 -16.37 -25.11 -3.75
N VAL B 387 -16.49 -25.27 -2.44
CA VAL B 387 -17.78 -25.45 -1.77
C VAL B 387 -18.03 -24.23 -0.89
N MET B 388 -19.08 -23.48 -1.21
CA MET B 388 -19.37 -22.25 -0.48
C MET B 388 -19.77 -22.52 0.96
N THR B 389 -20.45 -23.64 1.22
CA THR B 389 -20.96 -23.96 2.55
C THR B 389 -19.89 -24.71 3.33
N ASP B 390 -19.36 -24.09 4.37
CA ASP B 390 -18.38 -24.74 5.23
C ASP B 390 -18.97 -26.01 5.85
N ARG B 391 -18.11 -26.97 6.13
CA ARG B 391 -18.56 -28.21 6.75
C ARG B 391 -19.27 -27.91 8.07
N PHE B 392 -20.38 -28.60 8.31
CA PHE B 392 -21.06 -28.49 9.59
C PHE B 392 -20.23 -29.17 10.68
N PRO B 393 -20.11 -28.55 11.86
CA PRO B 393 -19.29 -29.18 12.90
C PRO B 393 -19.76 -30.58 13.28
N ALA B 394 -21.05 -30.88 13.10
CA ALA B 394 -21.59 -32.20 13.38
C ALA B 394 -21.54 -33.12 12.17
N ASP B 395 -21.24 -32.59 10.99
CA ASP B 395 -21.17 -33.39 9.77
C ASP B 395 -19.91 -34.26 9.80
N PHE B 396 -20.10 -35.58 9.89
CA PHE B 396 -19.00 -36.53 9.92
C PHE B 396 -19.05 -37.50 8.75
N ALA B 397 -19.58 -37.07 7.61
CA ALA B 397 -19.66 -37.90 6.43
C ALA B 397 -18.27 -38.47 6.11
N PRO B 398 -18.19 -39.61 5.42
CA PRO B 398 -16.87 -40.20 5.17
C PRO B 398 -16.02 -39.43 4.17
N ARG B 399 -16.63 -38.58 3.33
CA ARG B 399 -15.86 -37.89 2.31
C ARG B 399 -14.95 -36.84 2.93
N TRP B 400 -15.42 -36.15 3.97
CA TRP B 400 -14.62 -35.11 4.60
C TRP B 400 -13.28 -35.62 5.13
N PHE B 401 -13.14 -36.93 5.33
CA PHE B 401 -11.92 -37.48 5.90
C PHE B 401 -10.80 -37.68 4.89
N ARG B 402 -11.01 -37.36 3.61
CA ARG B 402 -9.97 -37.53 2.62
C ARG B 402 -8.87 -36.49 2.82
N PRO B 403 -7.65 -36.78 2.37
CA PRO B 403 -6.56 -35.78 2.52
C PRO B 403 -6.81 -34.49 1.77
N GLU B 404 -7.76 -34.47 0.83
CA GLU B 404 -8.03 -33.25 0.08
C GLU B 404 -8.46 -32.12 1.00
N ASN B 405 -9.08 -32.44 2.14
CA ASN B 405 -9.64 -31.45 3.05
C ASN B 405 -8.54 -30.97 4.00
N ASP B 406 -8.04 -29.76 3.75
CA ASP B 406 -7.05 -29.11 4.61
C ASP B 406 -7.48 -27.69 4.93
N PHE B 407 -8.78 -27.49 5.10
CA PHE B 407 -9.31 -26.15 5.38
C PHE B 407 -8.77 -25.65 6.71
N LEU B 408 -8.09 -24.51 6.67
CA LEU B 408 -7.44 -23.96 7.87
C LEU B 408 -8.44 -23.35 8.85
N GLY B 409 -9.67 -23.08 8.42
CA GLY B 409 -10.67 -22.51 9.30
C GLY B 409 -11.38 -23.48 10.21
N ASP B 410 -10.95 -24.74 10.24
CA ASP B 410 -11.59 -25.77 11.04
C ASP B 410 -10.51 -26.60 11.73
N PRO B 411 -10.59 -26.78 13.05
CA PRO B 411 -9.60 -27.66 13.72
C PRO B 411 -9.69 -29.10 13.27
N PHE B 412 -10.85 -29.52 12.74
CA PHE B 412 -10.98 -30.88 12.23
C PHE B 412 -10.05 -31.13 11.05
N SER B 413 -9.61 -30.08 10.36
CA SER B 413 -8.76 -30.23 9.18
C SER B 413 -7.59 -29.27 9.12
N SER B 414 -7.48 -28.29 10.03
CA SER B 414 -6.44 -27.28 9.92
C SER B 414 -5.05 -27.89 10.02
N HIS B 415 -4.90 -28.92 10.85
CA HIS B 415 -3.59 -29.54 11.04
C HIS B 415 -3.07 -30.23 9.78
N VAL B 416 -3.91 -30.40 8.75
CA VAL B 416 -3.45 -31.04 7.52
C VAL B 416 -2.74 -30.05 6.62
N ASN B 417 -3.10 -28.77 6.69
CA ASN B 417 -2.49 -27.77 5.82
C ASN B 417 -1.00 -27.67 6.14
N PRO B 418 -0.11 -27.73 5.16
CA PRO B 418 1.32 -27.60 5.47
C PRO B 418 1.68 -26.28 6.13
N VAL B 419 0.95 -25.21 5.82
CA VAL B 419 1.23 -23.91 6.43
C VAL B 419 0.95 -23.97 7.93
N PHE B 420 0.00 -24.82 8.34
CA PHE B 420 -0.31 -24.98 9.76
C PHE B 420 0.95 -25.14 10.59
N TRP B 421 1.87 -25.99 10.14
CA TRP B 421 3.04 -26.32 10.93
C TRP B 421 4.11 -25.24 10.87
N SER B 422 4.09 -24.39 9.84
CA SER B 422 5.06 -23.30 9.77
C SER B 422 4.77 -22.24 10.82
N PHE B 423 3.52 -21.78 10.93
CA PHE B 423 3.23 -20.71 11.87
C PHE B 423 3.01 -21.23 13.29
N HIS B 424 2.58 -22.49 13.44
CA HIS B 424 2.53 -23.07 14.78
C HIS B 424 3.92 -23.35 15.31
N GLY B 425 4.87 -23.65 14.43
CA GLY B 425 6.26 -23.67 14.85
C GLY B 425 6.76 -22.30 15.28
N TRP B 426 6.33 -21.26 14.56
CA TRP B 426 6.67 -19.90 14.96
C TRP B 426 6.13 -19.58 16.34
N ILE B 427 4.82 -19.83 16.56
CA ILE B 427 4.21 -19.57 17.85
C ILE B 427 5.00 -20.26 18.96
N ASP B 428 5.32 -21.55 18.75
CA ASP B 428 6.02 -22.31 19.77
C ASP B 428 7.36 -21.65 20.12
N ASP B 429 8.14 -21.27 19.11
CA ASP B 429 9.43 -20.66 19.36
C ASP B 429 9.31 -19.42 20.24
N ARG B 430 8.18 -18.72 20.17
CA ARG B 430 7.98 -17.53 21.00
C ARG B 430 7.89 -17.87 22.48
N ILE B 431 7.58 -19.12 22.82
CA ILE B 431 7.56 -19.52 24.23
C ILE B 431 8.95 -19.39 24.84
N GLU B 432 9.99 -19.64 24.05
CA GLU B 432 11.35 -19.52 24.56
C GLU B 432 11.75 -18.07 24.74
N ASP B 433 11.29 -17.19 23.84
CA ASP B 433 11.44 -15.75 24.07
C ASP B 433 10.78 -15.34 25.38
N TRP B 434 9.69 -16.01 25.76
CA TRP B 434 9.03 -15.70 27.02
C TRP B 434 9.85 -16.16 28.22
N TYR B 435 10.58 -17.27 28.07
CA TYR B 435 11.48 -17.70 29.15
C TYR B 435 12.71 -16.80 29.23
N ARG B 436 13.36 -16.55 28.09
CA ARG B 436 14.50 -15.65 28.07
C ARG B 436 14.14 -14.26 28.58
N ALA B 437 12.90 -13.82 28.34
CA ALA B 437 12.49 -12.51 28.82
C ALA B 437 12.46 -12.47 30.34
N HIS B 438 11.92 -13.52 30.98
CA HIS B 438 11.85 -13.54 32.43
C HIS B 438 13.21 -13.76 33.05
N GLU B 439 14.05 -14.60 32.43
CA GLU B 439 15.41 -14.77 32.91
C GLU B 439 16.19 -13.47 32.93
N ARG B 440 15.79 -12.49 32.12
CA ARG B 440 16.45 -11.19 32.13
C ARG B 440 15.92 -10.31 33.25
N PHE B 441 14.59 -10.18 33.35
CA PHE B 441 13.97 -9.30 34.33
C PHE B 441 13.70 -9.99 35.67
N HIS B 442 13.55 -11.31 35.68
CA HIS B 442 13.25 -12.06 36.90
C HIS B 442 14.07 -13.33 36.92
N PRO B 443 15.39 -13.20 37.05
CA PRO B 443 16.26 -14.38 36.98
C PRO B 443 15.97 -15.36 38.10
N GLY B 444 15.64 -16.61 37.73
CA GLY B 444 15.41 -17.68 38.66
C GLY B 444 13.96 -18.00 38.93
N GLU B 445 13.04 -17.06 38.66
CA GLU B 445 11.64 -17.25 38.99
C GLU B 445 10.91 -18.20 38.03
N VAL B 446 11.55 -18.60 36.93
CA VAL B 446 10.99 -19.58 35.99
C VAL B 446 12.01 -20.69 35.80
N GLN B 447 11.58 -21.93 36.00
CA GLN B 447 12.46 -23.10 35.95
C GLN B 447 11.97 -24.05 34.87
N ARG B 448 12.90 -24.54 34.05
CA ARG B 448 12.56 -25.53 33.05
C ARG B 448 12.25 -26.87 33.71
N ARG B 449 11.63 -27.76 32.93
CA ARG B 449 11.29 -29.09 33.40
C ARG B 449 10.73 -29.87 32.22
N GLU B 450 10.86 -31.20 32.30
CA GLU B 450 10.37 -32.09 31.26
C GLU B 450 9.03 -32.67 31.69
N VAL B 451 8.02 -32.51 30.83
CA VAL B 451 6.66 -32.91 31.12
C VAL B 451 6.13 -33.71 29.94
N GLU B 452 5.76 -34.97 30.19
CA GLU B 452 5.24 -35.85 29.15
C GLU B 452 6.26 -36.05 28.02
N GLY B 453 7.54 -36.06 28.37
CA GLY B 453 8.59 -36.16 27.37
C GLY B 453 8.70 -34.94 26.49
N ILE B 454 8.40 -33.76 27.04
CA ILE B 454 8.42 -32.51 26.29
C ILE B 454 9.07 -31.45 27.16
N GLN B 455 9.98 -30.68 26.57
CA GLN B 455 10.60 -29.57 27.29
C GLN B 455 9.55 -28.53 27.66
N TRP B 456 9.46 -28.23 28.96
CA TRP B 456 8.44 -27.31 29.45
C TRP B 456 9.00 -26.52 30.62
N PHE B 457 8.15 -26.15 31.58
CA PHE B 457 8.58 -25.30 32.68
C PHE B 457 7.82 -25.69 33.95
N ALA B 458 8.48 -25.49 35.09
CA ALA B 458 7.91 -25.87 36.38
C ALA B 458 6.88 -24.85 36.86
N PRO B 459 5.87 -25.29 37.61
CA PRO B 459 4.88 -24.33 38.13
C PRO B 459 5.55 -23.33 39.06
N GLY B 460 5.20 -22.06 38.89
CA GLY B 460 5.79 -21.03 39.70
C GLY B 460 5.07 -19.71 39.54
N ARG B 461 5.79 -18.64 39.88
CA ARG B 461 5.21 -17.30 39.84
C ARG B 461 4.62 -17.01 38.47
N TRP B 462 5.25 -17.50 37.41
CA TRP B 462 4.83 -17.22 36.04
C TRP B 462 4.33 -18.44 35.30
N VAL B 463 4.22 -19.59 35.97
CA VAL B 463 3.62 -20.79 35.41
C VAL B 463 2.48 -21.19 36.34
N GLU B 464 1.24 -20.98 35.89
CA GLU B 464 0.09 -21.09 36.79
C GLU B 464 -0.13 -22.54 37.23
N VAL B 465 -0.12 -23.48 36.29
CA VAL B 465 -0.43 -24.87 36.58
C VAL B 465 0.63 -25.78 35.98
N GLY B 466 0.66 -27.02 36.45
CA GLY B 466 1.66 -27.98 36.04
C GLY B 466 1.10 -29.26 35.45
N ASP B 467 -0.14 -29.22 34.98
CA ASP B 467 -0.80 -30.37 34.37
C ASP B 467 -1.44 -29.94 33.06
N PRO B 468 -0.64 -29.75 32.01
CA PRO B 468 -1.21 -29.42 30.70
C PRO B 468 -2.25 -30.45 30.29
N TRP B 469 -3.24 -29.99 29.53
CA TRP B 469 -4.36 -30.82 29.13
C TRP B 469 -4.14 -31.33 27.71
N LEU B 470 -3.76 -32.60 27.59
CA LEU B 470 -3.63 -33.27 26.30
C LEU B 470 -4.86 -34.13 25.97
N GLY B 471 -6.03 -33.74 26.47
CA GLY B 471 -7.23 -34.51 26.27
C GLY B 471 -7.49 -35.48 27.40
N PRO B 472 -8.22 -36.56 27.12
CA PRO B 472 -8.46 -37.57 28.17
C PRO B 472 -7.21 -38.29 28.62
N ALA B 473 -6.13 -38.25 27.84
CA ALA B 473 -4.91 -38.94 28.23
C ALA B 473 -4.37 -38.43 29.56
N THR B 474 -4.47 -37.13 29.81
CA THR B 474 -3.93 -36.53 31.02
C THR B 474 -4.98 -36.32 32.12
N HIS B 475 -6.23 -36.07 31.75
CA HIS B 475 -7.29 -35.79 32.73
C HIS B 475 -8.52 -36.65 32.42
N GLY B 476 -8.31 -37.94 32.22
CA GLY B 476 -9.41 -38.85 31.94
C GLY B 476 -9.70 -39.79 33.11
N LEU B 491 -7.27 -43.21 21.60
CA LEU B 491 -8.57 -42.59 21.80
C LEU B 491 -9.68 -43.38 21.11
N ASP B 492 -10.91 -43.19 21.58
CA ASP B 492 -12.08 -43.87 21.04
C ASP B 492 -12.77 -42.95 20.03
N VAL B 493 -12.89 -43.42 18.79
CA VAL B 493 -13.43 -42.58 17.73
C VAL B 493 -14.91 -42.33 17.94
N GLU B 494 -15.66 -43.35 18.35
CA GLU B 494 -17.10 -43.18 18.53
C GLU B 494 -17.41 -42.28 19.71
N THR B 495 -16.56 -42.28 20.73
CA THR B 495 -16.76 -41.38 21.86
C THR B 495 -16.61 -39.93 21.43
N MET B 496 -15.55 -39.62 20.70
CA MET B 496 -15.30 -38.23 20.29
C MET B 496 -16.43 -37.72 19.40
N LYS B 497 -16.97 -38.59 18.54
CA LYS B 497 -18.12 -38.20 17.73
C LYS B 497 -19.31 -37.84 18.62
N LEU B 498 -19.53 -38.62 19.68
CA LEU B 498 -20.61 -38.31 20.62
C LEU B 498 -20.40 -36.95 21.27
N ALA B 499 -19.23 -36.75 21.89
CA ALA B 499 -18.95 -35.49 22.58
C ALA B 499 -19.17 -34.29 21.66
N LEU B 500 -18.69 -34.36 20.42
CA LEU B 500 -18.89 -33.27 19.48
C LEU B 500 -20.37 -33.05 19.21
N ARG B 501 -21.15 -34.13 19.12
CA ARG B 501 -22.59 -33.98 18.90
C ARG B 501 -23.25 -33.28 20.09
N ILE B 502 -22.81 -33.60 21.31
CA ILE B 502 -23.36 -32.94 22.49
C ILE B 502 -23.12 -31.44 22.41
N ILE B 503 -21.93 -31.03 21.99
CA ILE B 503 -21.57 -29.62 21.99
C ILE B 503 -22.37 -28.85 20.96
N PHE B 504 -22.47 -29.37 19.74
CA PHE B 504 -23.09 -28.64 18.64
C PHE B 504 -24.55 -29.00 18.42
N SER B 505 -25.08 -30.02 19.09
CA SER B 505 -26.48 -30.37 18.96
C SER B 505 -27.02 -30.93 20.28
ZN ZN C . -0.08 28.78 -14.53
ZN ZN D . 0.49 25.18 -13.31
N TYR E . -1.89 26.85 -5.70
CA TYR E . -3.23 26.42 -6.12
C TYR E . -3.75 25.29 -5.23
O TYR E . -4.03 25.45 -4.05
CB TYR E . -3.23 25.97 -7.60
CG TYR E . -2.22 26.67 -8.47
CD1 TYR E . -0.88 26.33 -8.42
CD2 TYR E . -2.61 27.62 -9.40
CE1 TYR E . 0.04 26.90 -9.28
CE2 TYR E . -1.70 28.19 -10.27
CZ TYR E . -0.37 27.82 -10.22
OH TYR E . 0.52 28.33 -11.12
OXT TYR E . -3.85 24.13 -5.85
H2 TYR E . -1.49 26.24 -4.98
H TYR E . -1.86 27.81 -5.39
HA TYR E . -3.92 27.26 -6.04
HB2 TYR E . -3.07 24.90 -7.65
HB3 TYR E . -4.23 26.12 -8.02
HD1 TYR E . -0.54 25.61 -7.68
HD2 TYR E . -3.66 27.93 -9.45
HE1 TYR E . 1.09 26.61 -9.23
HE2 TYR E . -2.06 28.94 -10.99
HH TYR E . 0.04 28.94 -11.72
HXT TYR E . -4.19 23.42 -5.24
ZN ZN F . -5.24 -26.40 17.10
ZN ZN G . -4.04 -23.71 15.16
N TYR H . -11.79 -21.51 13.05
CA TYR H . -11.20 -20.32 13.70
C TYR H . -11.53 -19.03 12.95
O TYR H . -12.64 -18.79 12.51
CB TYR H . -9.67 -20.45 13.75
CG TYR H . -9.16 -21.82 14.11
CD1 TYR H . -8.88 -22.76 13.14
CD2 TYR H . -8.93 -22.16 15.45
CE1 TYR H . -8.34 -23.99 13.46
CE2 TYR H . -8.39 -23.40 15.78
CZ TYR H . -8.09 -24.31 14.78
OH TYR H . -7.51 -25.50 15.10
OXT TYR H . -10.51 -18.23 12.83
H2 TYR H . -12.57 -21.91 13.56
H TYR H . -12.07 -21.34 12.09
HA TYR H . -11.61 -20.27 14.70
HB2 TYR H . -9.25 -20.16 12.79
HB3 TYR H . -9.27 -19.72 14.46
HD1 TYR H . -9.07 -22.52 12.09
HD2 TYR H . -9.16 -21.45 16.23
HE1 TYR H . -8.12 -24.72 12.68
HE2 TYR H . -8.22 -23.62 16.83
HH TYR H . -7.38 -25.54 16.08
HXT TYR H . -10.74 -17.41 12.33
#